data_5EOU
#
_entry.id   5EOU
#
_cell.length_a   131.790
_cell.length_b   131.790
_cell.length_c   78.993
_cell.angle_alpha   90.00
_cell.angle_beta   90.00
_cell.angle_gamma   120.00
#
_symmetry.space_group_name_H-M   'P 3 2 1'
#
loop_
_entity.id
_entity.type
_entity.pdbx_description
1 polymer 'Type 4 fimbrial biogenesis protein PilM,Type 4 fimbrial biogenesis protein PilN'
2 non-polymer 'SULFATE ION'
3 non-polymer 'CHLORIDE ION'
4 non-polymer 'SODIUM ION'
5 non-polymer 'MAGNESIUM ION'
6 non-polymer "ADENOSINE-5'-TRIPHOSPHATE"
7 water water
#
_entity_poly.entity_id   1
_entity_poly.type   'polypeptide(L)'
_entity_poly.pdbx_seq_one_letter_code
;GSHMLGLIKKKANTLLGIDISSTSVKLLELSRSGGRYKVEAYAVEPLPPNAVVEKNIVELEGVGQALSRVLVKAKTNLKS
AVVAVAGSAVITKTIEMEAGLSEDELENQLKIEADQYIPYPLEEVAIDFEVQGLSARNPERVDVLLAACRKENVEVREAA
LALAGLTAKVVDVEAYALERSYALLSSQLGADTDQLTVAVVDIGATMTTLSVLHNGRTIYTREQLFGGRQLTEEIQRRYG
LSVEEAGLAKKQGGLPDDYDSEVLRPFKDAVVQQVSRSLQFFFAAGQFNDVDYIVLAGGTASIQDLDRLIQQKIGTPTLV
ANPFADMALNGKVNAGALASDAPALMIACGLALRSFDSSGMARINLLPWREE
;
_entity_poly.pdbx_strand_id   A,B
#
loop_
_chem_comp.id
_chem_comp.type
_chem_comp.name
_chem_comp.formula
ATP non-polymer ADENOSINE-5'-TRIPHOSPHATE 'C10 H16 N5 O13 P3'
CL non-polymer 'CHLORIDE ION' 'Cl -1'
MG non-polymer 'MAGNESIUM ION' 'Mg 2'
NA non-polymer 'SODIUM ION' 'Na 1'
SO4 non-polymer 'SULFATE ION' 'O4 S -2'
#
# COMPACT_ATOMS: atom_id res chain seq x y z
N ALA A 12 4.07 14.47 -20.45
CA ALA A 12 3.39 15.58 -19.80
C ALA A 12 2.96 15.22 -18.38
N ASN A 13 3.33 14.02 -17.95
CA ASN A 13 2.97 13.55 -16.61
C ASN A 13 4.03 13.88 -15.57
N THR A 14 3.70 14.81 -14.69
CA THR A 14 4.61 15.21 -13.62
C THR A 14 4.38 14.36 -12.37
N LEU A 15 5.34 14.42 -11.44
CA LEU A 15 5.28 13.60 -10.24
C LEU A 15 5.27 14.46 -8.98
N LEU A 16 4.53 14.01 -7.96
CA LEU A 16 4.46 14.72 -6.70
C LEU A 16 5.71 14.53 -5.86
N GLY A 17 6.28 15.64 -5.38
CA GLY A 17 7.40 15.57 -4.46
C GLY A 17 6.89 15.47 -3.03
N ILE A 18 7.04 14.30 -2.43
CA ILE A 18 6.55 14.08 -1.07
C ILE A 18 7.66 13.74 -0.10
N ASP A 19 7.92 14.67 0.83
CA ASP A 19 8.93 14.47 1.85
C ASP A 19 8.30 14.03 3.17
N ILE A 20 8.69 12.86 3.64
CA ILE A 20 8.16 12.32 4.89
C ILE A 20 9.20 12.39 5.99
N SER A 21 9.02 13.33 6.91
CA SER A 21 9.94 13.49 8.03
C SER A 21 9.33 12.95 9.32
N SER A 22 9.92 13.32 10.46
CA SER A 22 9.49 12.79 11.74
C SER A 22 8.30 13.53 12.32
N THR A 23 8.11 14.78 11.92
CA THR A 23 7.07 15.62 12.51
C THR A 23 5.98 16.03 11.53
N SER A 24 6.26 15.94 10.23
CA SER A 24 5.29 16.38 9.24
C SER A 24 5.49 15.74 7.87
N VAL A 25 4.43 15.77 7.07
CA VAL A 25 4.48 15.35 5.67
C VAL A 25 4.41 16.56 4.76
N LYS A 26 5.37 16.67 3.84
CA LYS A 26 5.44 17.84 2.96
C LYS A 26 5.24 17.44 1.50
N LEU A 27 4.28 18.09 0.85
CA LEU A 27 3.99 17.82 -0.56
C LEU A 27 4.29 19.05 -1.41
N LEU A 28 4.82 18.80 -2.61
CA LEU A 28 5.10 19.89 -3.54
C LEU A 28 4.94 19.41 -4.98
N GLU A 29 4.16 20.16 -5.76
CA GLU A 29 3.93 19.85 -7.17
C GLU A 29 4.55 20.90 -8.06
N LEU A 30 5.41 20.47 -8.97
CA LEU A 30 6.10 21.38 -9.89
C LEU A 30 5.70 21.14 -11.35
N SER A 31 5.74 22.20 -12.14
CA SER A 31 5.54 22.11 -13.57
C SER A 31 6.54 23.02 -14.28
N ARG A 32 6.84 22.71 -15.53
CA ARG A 32 7.83 23.47 -16.29
C ARG A 32 7.36 23.80 -17.70
N SER A 33 7.55 25.05 -18.10
CA SER A 33 7.17 25.49 -19.44
C SER A 33 7.99 26.71 -19.86
N GLY A 34 8.66 26.61 -21.00
CA GLY A 34 9.46 27.70 -21.51
C GLY A 34 10.71 27.96 -20.68
N GLY A 35 11.24 26.89 -20.06
CA GLY A 35 12.42 26.99 -19.24
C GLY A 35 12.14 27.64 -17.90
N ARG A 36 10.88 27.67 -17.50
CA ARG A 36 10.51 28.24 -16.22
C ARG A 36 9.75 27.25 -15.35
N TYR A 37 10.23 27.03 -14.14
CA TYR A 37 9.55 26.16 -13.18
C TYR A 37 8.37 26.90 -12.53
N LYS A 38 7.39 26.13 -12.06
CA LYS A 38 6.19 26.72 -11.47
C LYS A 38 5.63 25.84 -10.36
N VAL A 39 5.34 26.46 -9.22
CA VAL A 39 4.73 25.75 -8.10
C VAL A 39 3.22 25.66 -8.28
N GLU A 40 2.74 24.48 -8.64
CA GLU A 40 1.32 24.26 -8.89
C GLU A 40 0.55 24.07 -7.59
N ALA A 41 1.12 23.30 -6.66
CA ALA A 41 0.46 23.01 -5.40
C ALA A 41 1.47 22.63 -4.32
N TYR A 42 1.11 22.88 -3.06
CA TYR A 42 1.95 22.51 -1.93
C TYR A 42 1.15 22.52 -0.63
N ALA A 43 1.57 21.70 0.31
CA ALA A 43 0.93 21.63 1.62
C ALA A 43 1.83 20.95 2.64
N VAL A 44 1.68 21.33 3.91
CA VAL A 44 2.43 20.70 4.99
C VAL A 44 1.47 20.18 6.07
N GLU A 45 1.37 18.86 6.17
CA GLU A 45 0.51 18.24 7.18
C GLU A 45 1.35 17.66 8.32
N PRO A 46 0.97 18.01 9.56
CA PRO A 46 1.69 17.52 10.74
C PRO A 46 1.44 16.02 10.99
N LEU A 47 2.49 15.33 11.41
CA LEU A 47 2.36 13.92 11.78
C LEU A 47 2.16 13.79 13.28
N PRO A 48 1.37 12.79 13.70
CA PRO A 48 1.23 12.52 15.13
C PRO A 48 2.57 12.08 15.71
N PRO A 49 2.82 12.36 17.00
CA PRO A 49 4.10 11.99 17.61
C PRO A 49 4.37 10.49 17.53
N ASN A 50 5.64 10.14 17.31
CA ASN A 50 6.09 8.75 17.25
C ASN A 50 5.49 7.97 16.08
N ALA A 51 5.00 8.67 15.07
CA ALA A 51 4.52 8.03 13.85
C ALA A 51 5.71 7.73 12.95
N VAL A 52 6.68 8.63 12.95
CA VAL A 52 7.93 8.44 12.22
C VAL A 52 9.12 8.78 13.12
N VAL A 53 9.97 7.79 13.36
CA VAL A 53 11.13 7.98 14.23
C VAL A 53 12.43 7.88 13.43
N GLU A 54 13.20 8.97 13.42
CA GLU A 54 14.45 9.07 12.66
C GLU A 54 14.24 8.68 11.20
N LYS A 55 13.21 9.27 10.59
CA LYS A 55 12.87 9.04 9.19
C LYS A 55 12.57 7.57 8.90
N ASN A 56 12.17 6.83 9.92
CA ASN A 56 11.69 5.47 9.76
C ASN A 56 10.22 5.37 10.18
N ILE A 57 9.38 4.95 9.25
CA ILE A 57 7.95 4.85 9.52
C ILE A 57 7.63 3.77 10.53
N VAL A 58 7.01 4.17 11.64
CA VAL A 58 6.64 3.25 12.71
C VAL A 58 5.15 2.95 12.67
N GLU A 59 4.35 4.01 12.68
CA GLU A 59 2.89 3.89 12.56
C GLU A 59 2.47 4.09 11.11
N LEU A 60 2.11 2.99 10.45
CA LEU A 60 1.81 3.01 9.02
C LEU A 60 0.48 3.70 8.73
N GLU A 61 -0.53 3.42 9.54
CA GLU A 61 -1.85 4.02 9.35
C GLU A 61 -1.83 5.52 9.56
N GLY A 62 -1.04 5.97 10.53
CA GLY A 62 -0.94 7.37 10.87
C GLY A 62 -0.33 8.20 9.75
N VAL A 63 0.70 7.66 9.12
CA VAL A 63 1.35 8.33 8.00
C VAL A 63 0.42 8.35 6.79
N GLY A 64 -0.33 7.26 6.62
CA GLY A 64 -1.25 7.14 5.50
C GLY A 64 -2.34 8.19 5.52
N GLN A 65 -2.92 8.44 6.69
CA GLN A 65 -3.99 9.42 6.81
C GLN A 65 -3.47 10.85 6.71
N ALA A 66 -2.23 11.07 7.13
CA ALA A 66 -1.60 12.38 7.00
C ALA A 66 -1.32 12.67 5.52
N LEU A 67 -0.94 11.62 4.79
CA LEU A 67 -0.72 11.73 3.35
C LEU A 67 -2.02 12.05 2.63
N SER A 68 -3.12 11.50 3.13
CA SER A 68 -4.44 11.76 2.55
C SER A 68 -4.87 13.22 2.76
N ARG A 69 -4.59 13.73 3.94
CA ARG A 69 -4.98 15.10 4.29
C ARG A 69 -4.11 16.14 3.58
N VAL A 70 -2.86 15.77 3.32
CA VAL A 70 -1.94 16.67 2.63
C VAL A 70 -2.26 16.73 1.14
N LEU A 71 -3.03 15.77 0.66
CA LEU A 71 -3.50 15.77 -0.72
C LEU A 71 -4.67 16.73 -0.87
N VAL A 72 -5.57 16.73 0.10
CA VAL A 72 -6.74 17.60 0.08
C VAL A 72 -6.33 19.05 0.33
N LYS A 73 -5.45 19.25 1.30
CA LYS A 73 -4.98 20.58 1.66
C LYS A 73 -4.22 21.24 0.51
N ALA A 74 -3.50 20.43 -0.26
CA ALA A 74 -2.75 20.94 -1.41
C ALA A 74 -3.64 21.15 -2.61
N LYS A 75 -4.82 20.54 -2.59
CA LYS A 75 -5.79 20.62 -3.68
C LYS A 75 -5.19 20.16 -5.01
N THR A 76 -4.55 19.00 -5.00
CA THR A 76 -3.96 18.43 -6.21
C THR A 76 -4.66 17.15 -6.61
N ASN A 77 -4.61 16.82 -7.90
CA ASN A 77 -5.28 15.63 -8.41
C ASN A 77 -4.30 14.56 -8.88
N LEU A 78 -3.01 14.83 -8.69
CA LEU A 78 -1.96 13.88 -9.08
C LEU A 78 -1.96 12.67 -8.15
N LYS A 79 -1.61 11.51 -8.69
CA LYS A 79 -1.63 10.27 -7.92
C LYS A 79 -0.30 9.54 -7.95
N SER A 80 0.65 10.06 -8.72
CA SER A 80 2.00 9.50 -8.78
C SER A 80 2.97 10.40 -8.02
N ALA A 81 3.85 9.79 -7.23
CA ALA A 81 4.72 10.56 -6.36
C ALA A 81 6.17 10.06 -6.34
N VAL A 82 7.06 10.93 -5.88
CA VAL A 82 8.46 10.58 -5.67
C VAL A 82 8.80 10.70 -4.18
N VAL A 83 9.26 9.61 -3.59
CA VAL A 83 9.66 9.61 -2.18
C VAL A 83 11.13 9.29 -2.05
N ALA A 84 11.66 9.46 -0.84
CA ALA A 84 13.08 9.22 -0.60
C ALA A 84 13.32 8.50 0.73
N VAL A 85 14.43 7.78 0.81
CA VAL A 85 14.82 7.10 2.04
C VAL A 85 16.06 7.77 2.64
N ALA A 86 16.20 7.69 3.96
CA ALA A 86 17.34 8.26 4.66
C ALA A 86 17.53 7.61 6.02
N GLY A 87 18.72 7.77 6.59
CA GLY A 87 19.03 7.21 7.89
C GLY A 87 20.29 6.36 7.88
N SER A 88 20.38 5.45 8.84
CA SER A 88 21.55 4.60 8.98
C SER A 88 21.43 3.34 8.13
N ALA A 89 20.25 3.11 7.58
CA ALA A 89 20.00 1.94 6.74
C ALA A 89 20.21 2.25 5.27
N VAL A 90 20.56 3.50 4.98
CA VAL A 90 20.78 3.95 3.61
C VAL A 90 22.26 4.26 3.36
N ILE A 91 22.82 3.68 2.30
CA ILE A 91 24.22 3.90 1.97
C ILE A 91 24.39 4.52 0.60
N THR A 92 25.33 5.45 0.48
CA THR A 92 25.67 6.10 -0.79
C THR A 92 27.17 6.17 -0.95
N LYS A 93 27.69 5.52 -1.98
CA LYS A 93 29.13 5.47 -2.21
C LYS A 93 29.50 5.75 -3.66
N THR A 94 30.80 5.79 -3.92
CA THR A 94 31.33 5.95 -5.27
C THR A 94 32.45 4.93 -5.51
N ILE A 95 32.15 3.91 -6.31
CA ILE A 95 33.08 2.80 -6.48
C ILE A 95 33.74 2.82 -7.85
N GLU A 96 35.00 2.41 -7.90
CA GLU A 96 35.75 2.31 -9.16
C GLU A 96 36.06 0.86 -9.48
N MET A 97 35.78 0.48 -10.72
CA MET A 97 35.93 -0.90 -11.17
C MET A 97 36.26 -0.99 -12.66
N GLU A 98 36.66 -2.17 -13.11
CA GLU A 98 37.07 -2.38 -14.49
C GLU A 98 35.96 -2.18 -15.51
N ALA A 99 36.32 -1.59 -16.65
CA ALA A 99 35.38 -1.29 -17.71
C ALA A 99 34.88 -2.52 -18.46
N GLY A 100 33.69 -2.41 -19.03
CA GLY A 100 33.09 -3.46 -19.83
C GLY A 100 32.79 -4.82 -19.23
N LEU A 101 32.33 -4.86 -17.99
CA LEU A 101 31.91 -6.11 -17.37
C LEU A 101 30.62 -6.67 -17.93
N SER A 102 30.50 -8.00 -17.95
CA SER A 102 29.26 -8.68 -18.26
C SER A 102 28.70 -9.41 -17.04
N PRO A 119 23.74 -4.45 5.10
CA PRO A 119 23.25 -4.64 6.46
C PRO A 119 22.65 -6.03 6.63
N TYR A 120 22.14 -6.61 5.54
CA TYR A 120 21.53 -7.94 5.58
C TYR A 120 22.01 -8.76 4.39
N PRO A 121 21.57 -10.01 4.29
CA PRO A 121 21.92 -10.83 3.13
C PRO A 121 21.35 -10.22 1.87
N LEU A 122 22.08 -10.22 0.75
CA LEU A 122 21.72 -9.32 -0.32
C LEU A 122 20.23 -9.53 -0.62
N GLU A 123 19.72 -10.71 -0.32
CA GLU A 123 18.36 -11.06 -0.67
C GLU A 123 17.33 -10.12 -0.06
N GLU A 124 17.74 -9.40 0.99
CA GLU A 124 16.84 -8.48 1.68
C GLU A 124 17.23 -7.02 1.48
N VAL A 125 18.04 -6.77 0.46
CA VAL A 125 18.56 -5.42 0.21
C VAL A 125 18.16 -4.91 -1.17
N ALA A 126 17.64 -3.68 -1.22
CA ALA A 126 17.34 -3.02 -2.48
C ALA A 126 18.57 -2.28 -2.99
N ILE A 127 19.04 -2.65 -4.18
CA ILE A 127 20.27 -2.10 -4.73
C ILE A 127 20.07 -1.46 -6.10
N ASP A 128 20.63 -0.26 -6.28
CA ASP A 128 20.61 0.42 -7.57
C ASP A 128 21.99 0.99 -7.88
N PHE A 129 22.32 1.08 -9.17
CA PHE A 129 23.62 1.59 -9.59
C PHE A 129 23.51 2.55 -10.77
N GLU A 130 24.53 3.38 -10.95
CA GLU A 130 24.57 4.33 -12.05
C GLU A 130 26.01 4.63 -12.46
N VAL A 131 26.29 4.46 -13.75
CA VAL A 131 27.64 4.69 -14.27
C VAL A 131 27.89 6.18 -14.50
N SER A 135 36.80 5.72 -15.04
CA SER A 135 37.35 6.61 -14.04
C SER A 135 37.70 7.92 -14.71
N ALA A 136 37.62 9.02 -13.98
CA ALA A 136 38.01 10.28 -14.55
C ALA A 136 39.51 10.25 -14.86
N ARG A 137 40.29 9.75 -13.91
CA ARG A 137 41.72 9.78 -14.05
C ARG A 137 42.12 8.89 -15.20
N ASN A 138 41.61 7.68 -15.13
CA ASN A 138 41.96 6.64 -16.07
C ASN A 138 40.70 6.13 -16.75
N PRO A 139 40.77 6.04 -18.08
CA PRO A 139 39.69 5.47 -18.89
C PRO A 139 39.75 3.95 -19.00
N GLU A 140 40.66 3.31 -18.26
CA GLU A 140 40.75 1.86 -18.27
C GLU A 140 39.73 1.26 -17.31
N ARG A 141 39.37 2.03 -16.29
CA ARG A 141 38.37 1.60 -15.33
C ARG A 141 37.12 2.47 -15.43
N VAL A 142 36.15 2.22 -14.57
CA VAL A 142 34.89 2.97 -14.60
C VAL A 142 34.38 3.33 -13.22
N ASP A 143 33.79 4.52 -13.10
CA ASP A 143 33.19 4.95 -11.85
C ASP A 143 31.70 4.68 -11.85
N VAL A 144 31.20 4.11 -10.75
CA VAL A 144 29.78 3.77 -10.63
C VAL A 144 29.21 4.22 -9.30
N LEU A 145 28.11 4.96 -9.36
CA LEU A 145 27.42 5.42 -8.16
C LEU A 145 26.55 4.29 -7.58
N LEU A 146 26.64 4.09 -6.27
CA LEU A 146 25.92 3.00 -5.63
C LEU A 146 25.02 3.51 -4.50
N ALA A 147 23.76 3.06 -4.52
CA ALA A 147 22.82 3.37 -3.45
C ALA A 147 22.06 2.11 -3.04
N ALA A 148 22.00 1.86 -1.74
CA ALA A 148 21.37 0.64 -1.25
C ALA A 148 20.71 0.82 0.11
N CYS A 149 19.71 -0.02 0.38
CA CYS A 149 19.00 -0.03 1.65
C CYS A 149 18.20 -1.33 1.76
N ARG A 150 17.72 -1.63 2.97
CA ARG A 150 16.88 -2.81 3.16
C ARG A 150 15.55 -2.59 2.45
N LYS A 151 15.00 -3.65 1.89
CA LYS A 151 13.77 -3.60 1.12
C LYS A 151 12.60 -3.10 1.93
N GLU A 152 12.62 -3.37 3.22
CA GLU A 152 11.52 -2.99 4.10
C GLU A 152 11.27 -1.49 4.07
N ASN A 153 12.35 -0.70 4.01
CA ASN A 153 12.25 0.75 3.96
C ASN A 153 11.55 1.24 2.69
N VAL A 154 11.68 0.48 1.62
CA VAL A 154 11.03 0.80 0.35
C VAL A 154 9.57 0.37 0.36
N GLU A 155 9.33 -0.87 0.80
CA GLU A 155 7.99 -1.46 0.78
C GLU A 155 7.02 -0.71 1.69
N VAL A 156 7.49 -0.32 2.88
CA VAL A 156 6.66 0.41 3.83
C VAL A 156 6.25 1.77 3.27
N ARG A 157 7.18 2.46 2.62
CA ARG A 157 6.89 3.75 2.01
C ARG A 157 5.94 3.59 0.83
N GLU A 158 6.02 2.45 0.14
CA GLU A 158 5.07 2.15 -0.92
C GLU A 158 3.69 1.89 -0.32
N ALA A 159 3.67 1.24 0.84
CA ALA A 159 2.43 0.94 1.53
C ALA A 159 1.78 2.21 2.08
N ALA A 160 2.60 3.13 2.58
CA ALA A 160 2.13 4.39 3.11
C ALA A 160 1.46 5.23 2.03
N LEU A 161 2.05 5.23 0.84
CA LEU A 161 1.49 5.95 -0.29
C LEU A 161 0.21 5.29 -0.77
N ALA A 162 0.16 3.96 -0.69
CA ALA A 162 -1.00 3.20 -1.10
C ALA A 162 -2.22 3.53 -0.24
N LEU A 163 -1.98 3.77 1.05
CA LEU A 163 -3.05 4.11 1.98
C LEU A 163 -3.71 5.44 1.62
N ALA A 164 -2.98 6.29 0.90
CA ALA A 164 -3.51 7.57 0.47
C ALA A 164 -3.94 7.52 -1.00
N GLY A 165 -3.81 6.35 -1.60
CA GLY A 165 -4.18 6.16 -3.00
C GLY A 165 -3.11 6.67 -3.94
N LEU A 166 -1.87 6.73 -3.44
CA LEU A 166 -0.75 7.22 -4.24
C LEU A 166 0.16 6.06 -4.67
N THR A 167 0.87 6.27 -5.78
CA THR A 167 1.79 5.27 -6.29
C THR A 167 3.19 5.85 -6.44
N ALA A 168 4.19 5.11 -5.95
CA ALA A 168 5.58 5.55 -6.06
C ALA A 168 6.16 5.20 -7.42
N LYS A 169 6.61 6.20 -8.14
CA LYS A 169 7.27 6.00 -9.43
C LYS A 169 8.78 6.00 -9.24
N VAL A 170 9.24 6.77 -8.25
CA VAL A 170 10.66 6.87 -7.94
C VAL A 170 10.91 6.87 -6.43
N VAL A 171 11.74 5.95 -5.96
CA VAL A 171 12.21 5.98 -4.58
C VAL A 171 13.68 6.39 -4.58
N ASP A 172 13.94 7.62 -4.14
CA ASP A 172 15.26 8.22 -4.24
C ASP A 172 15.98 8.24 -2.90
N VAL A 173 17.12 8.93 -2.87
CA VAL A 173 17.84 9.17 -1.63
C VAL A 173 17.87 10.68 -1.38
N GLU A 174 17.62 11.08 -0.12
CA GLU A 174 17.49 12.48 0.22
C GLU A 174 18.70 13.33 -0.19
N ALA A 175 19.88 12.72 -0.18
CA ALA A 175 21.11 13.41 -0.53
C ALA A 175 21.08 13.93 -1.97
N TYR A 176 20.56 13.10 -2.87
CA TYR A 176 20.49 13.45 -4.28
C TYR A 176 19.36 14.43 -4.56
N ALA A 177 18.32 14.36 -3.73
CA ALA A 177 17.20 15.29 -3.83
C ALA A 177 17.65 16.69 -3.44
N LEU A 178 18.57 16.76 -2.49
CA LEU A 178 19.10 18.04 -2.03
C LEU A 178 19.97 18.68 -3.12
N GLU A 179 20.60 17.84 -3.93
CA GLU A 179 21.46 18.33 -5.02
C GLU A 179 20.66 19.08 -6.09
N ARG A 180 19.51 18.53 -6.44
CA ARG A 180 18.69 19.12 -7.50
C ARG A 180 18.07 20.44 -7.07
N SER A 181 17.65 20.51 -5.82
CA SER A 181 17.07 21.73 -5.28
C SER A 181 18.14 22.79 -5.06
N TYR A 182 19.38 22.34 -4.88
CA TYR A 182 20.52 23.24 -4.70
C TYR A 182 20.82 24.02 -5.97
N ALA A 183 20.57 23.40 -7.12
CA ALA A 183 20.84 24.02 -8.41
C ALA A 183 19.91 25.21 -8.66
N LEU A 184 18.81 25.26 -7.91
CA LEU A 184 17.82 26.33 -8.06
C LEU A 184 18.19 27.55 -7.23
N LEU A 185 19.34 27.49 -6.56
CA LEU A 185 19.76 28.56 -5.65
C LEU A 185 20.83 29.45 -6.27
N SER A 186 20.99 29.37 -7.59
CA SER A 186 22.00 30.15 -8.29
C SER A 186 21.72 31.64 -8.20
N SER A 187 20.44 31.99 -8.18
CA SER A 187 20.04 33.39 -8.04
C SER A 187 20.36 33.93 -6.66
N GLN A 188 20.21 33.08 -5.65
CA GLN A 188 20.43 33.47 -4.26
C GLN A 188 21.92 33.61 -3.96
N LEU A 189 22.72 32.73 -4.54
CA LEU A 189 24.17 32.76 -4.35
C LEU A 189 24.80 33.84 -5.21
N ALA A 191 25.65 33.51 -8.19
CA ALA A 191 26.68 33.09 -9.12
C ALA A 191 26.26 31.82 -9.86
N ASP A 192 27.23 30.97 -10.20
CA ASP A 192 26.95 29.71 -10.85
C ASP A 192 27.31 28.56 -9.91
N THR A 193 26.29 27.84 -9.46
CA THR A 193 26.45 26.82 -8.43
C THR A 193 27.41 25.70 -8.84
N ASP A 194 27.70 25.60 -10.14
CA ASP A 194 28.54 24.52 -10.64
C ASP A 194 30.03 24.76 -10.42
N GLN A 195 30.37 25.85 -9.74
CA GLN A 195 31.76 26.21 -9.52
C GLN A 195 32.05 26.53 -8.05
N LEU A 196 31.09 26.26 -7.18
CA LEU A 196 31.23 26.64 -5.78
C LEU A 196 31.38 25.44 -4.84
N THR A 197 31.82 25.72 -3.62
CA THR A 197 31.86 24.74 -2.54
C THR A 197 30.94 25.19 -1.42
N VAL A 198 29.75 24.61 -1.37
CA VAL A 198 28.72 25.08 -0.46
C VAL A 198 28.32 24.04 0.57
N ALA A 199 28.29 24.44 1.84
CA ALA A 199 27.83 23.58 2.92
C ALA A 199 26.36 23.81 3.20
N VAL A 200 25.54 22.80 2.95
CA VAL A 200 24.10 22.89 3.20
C VAL A 200 23.74 22.25 4.54
N VAL A 201 23.14 23.04 5.42
CA VAL A 201 22.74 22.53 6.74
C VAL A 201 21.23 22.40 6.84
N ASP A 202 20.74 21.18 6.73
CA ASP A 202 19.32 20.90 6.86
C ASP A 202 18.99 20.60 8.32
N ILE A 203 18.32 21.54 8.98
CA ILE A 203 17.97 21.38 10.38
C ILE A 203 16.53 20.92 10.54
N GLY A 204 16.35 19.62 10.78
CA GLY A 204 15.03 19.07 11.04
C GLY A 204 14.65 19.27 12.49
N ALA A 205 13.65 18.52 12.95
CA ALA A 205 13.20 18.62 14.33
C ALA A 205 14.03 17.74 15.24
N THR A 206 14.42 16.57 14.75
CA THR A 206 15.18 15.62 15.56
C THR A 206 16.54 15.31 14.94
N MET A 207 16.70 15.62 13.66
CA MET A 207 17.96 15.34 12.97
C MET A 207 18.46 16.56 12.19
N THR A 208 19.77 16.77 12.23
CA THR A 208 20.39 17.84 11.47
C THR A 208 21.47 17.24 10.55
N THR A 209 21.39 17.57 9.26
CA THR A 209 22.30 17.00 8.27
C THR A 209 23.17 18.05 7.62
N LEU A 210 24.48 17.82 7.65
CA LEU A 210 25.42 18.70 6.95
C LEU A 210 25.87 18.06 5.64
N SER A 211 25.48 18.70 4.53
CA SER A 211 25.86 18.22 3.21
C SER A 211 26.71 19.25 2.48
N VAL A 212 27.93 18.88 2.15
CA VAL A 212 28.83 19.78 1.43
C VAL A 212 28.84 19.45 -0.06
N LEU A 213 28.53 20.44 -0.88
CA LEU A 213 28.47 20.24 -2.33
C LEU A 213 29.59 20.98 -3.04
N HIS A 214 30.37 20.25 -3.82
CA HIS A 214 31.43 20.84 -4.62
C HIS A 214 31.08 20.71 -6.10
N ASN A 215 30.95 21.86 -6.77
CA ASN A 215 30.58 21.92 -8.18
C ASN A 215 29.26 21.22 -8.47
N GLY A 216 28.37 21.20 -7.49
CA GLY A 216 27.04 20.63 -7.66
C GLY A 216 26.91 19.21 -7.13
N ARG A 217 28.05 18.55 -6.93
CA ARG A 217 28.06 17.16 -6.47
C ARG A 217 28.37 17.06 -4.98
N THR A 218 27.74 16.11 -4.31
CA THR A 218 27.97 15.88 -2.88
C THR A 218 29.30 15.18 -2.66
N ILE A 219 30.10 15.72 -1.75
CA ILE A 219 31.41 15.13 -1.44
C ILE A 219 31.52 14.78 0.05
N TYR A 220 30.52 15.16 0.82
CA TYR A 220 30.53 14.93 2.26
C TYR A 220 29.13 14.97 2.86
N THR A 221 28.84 14.04 3.76
CA THR A 221 27.54 13.98 4.43
C THR A 221 27.70 13.48 5.86
N ARG A 222 27.06 14.18 6.80
CA ARG A 222 27.12 13.80 8.20
C ARG A 222 25.83 14.17 8.94
N GLU A 223 25.06 13.15 9.30
CA GLU A 223 23.81 13.36 10.03
C GLU A 223 24.02 13.21 11.54
N GLN A 224 23.37 14.10 12.30
CA GLN A 224 23.49 14.07 13.75
C GLN A 224 22.12 14.17 14.42
N LEU A 225 22.02 13.65 15.64
CA LEU A 225 20.77 13.69 16.40
C LEU A 225 20.61 15.04 17.12
N PHE A 226 20.10 16.02 16.39
CA PHE A 226 19.88 17.36 16.94
C PHE A 226 18.93 18.13 16.03
N GLY A 227 18.02 18.91 16.63
CA GLY A 227 17.06 19.66 15.85
C GLY A 227 16.24 20.67 16.62
N GLY A 228 15.14 21.09 16.02
CA GLY A 228 14.29 22.13 16.58
C GLY A 228 13.39 21.67 17.71
N ARG A 229 13.35 20.37 17.96
CA ARG A 229 12.55 19.83 19.07
C ARG A 229 13.11 20.30 20.41
N GLN A 230 14.43 20.52 20.45
CA GLN A 230 15.10 21.01 21.64
C GLN A 230 14.55 22.37 22.06
N LEU A 231 14.21 23.19 21.07
CA LEU A 231 13.65 24.52 21.33
C LEU A 231 12.18 24.45 21.75
N THR A 232 11.41 23.65 21.02
CA THR A 232 9.98 23.53 21.28
C THR A 232 9.70 22.96 22.67
N GLU A 233 10.41 21.91 23.04
CA GLU A 233 10.24 21.29 24.35
C GLU A 233 10.62 22.24 25.48
N GLU A 234 11.60 23.10 25.22
CA GLU A 234 12.03 24.09 26.20
C GLU A 234 10.92 25.11 26.46
N ILE A 235 10.16 25.42 25.41
CA ILE A 235 9.03 26.33 25.52
C ILE A 235 7.87 25.67 26.25
N GLN A 236 7.84 24.34 26.24
CA GLN A 236 6.77 23.58 26.88
C GLN A 236 6.91 23.56 28.40
N ARG A 237 8.12 23.23 28.87
CA ARG A 237 8.35 23.02 30.30
C ARG A 237 8.49 24.32 31.08
N ARG A 238 8.85 25.39 30.39
CA ARG A 238 9.15 26.66 31.07
C ARG A 238 7.93 27.55 31.18
N TYR A 239 7.05 27.47 30.18
CA TYR A 239 5.87 28.34 30.14
C TYR A 239 4.58 27.55 30.31
N GLY A 240 4.72 26.28 30.67
CA GLY A 240 3.58 25.42 30.94
C GLY A 240 2.66 25.25 29.74
N LEU A 241 3.24 25.07 28.56
CA LEU A 241 2.48 24.90 27.34
C LEU A 241 2.58 23.48 26.81
N SER A 242 1.59 23.07 26.02
CA SER A 242 1.60 21.75 25.41
C SER A 242 2.51 21.71 24.20
N VAL A 243 2.63 20.54 23.58
CA VAL A 243 3.51 20.36 22.42
C VAL A 243 2.95 21.05 21.18
N GLU A 244 1.63 21.10 21.07
CA GLU A 244 0.98 21.68 19.91
C GLU A 244 0.93 23.20 20.00
N GLY A 247 4.91 24.73 19.84
CA GLY A 247 5.12 24.73 18.40
C GLY A 247 4.46 25.90 17.72
N LEU A 248 3.27 26.26 18.19
CA LEU A 248 2.52 27.38 17.61
C LEU A 248 3.13 28.72 18.01
N ALA A 249 3.71 28.76 19.20
CA ALA A 249 4.28 30.01 19.73
C ALA A 249 5.52 30.42 18.95
N LYS A 250 6.19 29.47 18.32
CA LYS A 250 7.40 29.74 17.57
C LYS A 250 7.10 30.49 16.26
N LYS A 251 5.87 30.35 15.78
CA LYS A 251 5.46 30.97 14.53
C LYS A 251 4.73 32.28 14.74
N GLN A 252 3.75 32.27 15.64
CA GLN A 252 2.91 33.45 15.87
C GLN A 252 3.50 34.37 16.94
N GLY A 253 4.04 33.77 18.00
CA GLY A 253 4.57 34.53 19.11
C GLY A 253 3.65 34.44 20.32
N GLY A 254 3.58 35.52 21.08
CA GLY A 254 2.72 35.56 22.26
C GLY A 254 3.42 35.08 23.51
N LEU A 255 4.74 34.99 23.44
CA LEU A 255 5.55 34.58 24.59
C LEU A 255 6.01 35.80 25.37
N PRO A 256 6.24 35.62 26.69
CA PRO A 256 6.73 36.73 27.52
C PRO A 256 8.09 37.24 27.07
N ASP A 257 8.48 38.42 27.56
CA ASP A 257 9.67 39.12 27.06
C ASP A 257 10.99 38.41 27.40
N ASP A 258 10.95 37.48 28.34
CA ASP A 258 12.16 36.78 28.75
C ASP A 258 12.52 35.65 27.78
N TYR A 259 11.58 35.28 26.92
CA TYR A 259 11.77 34.20 25.97
C TYR A 259 12.94 34.44 25.01
N ASP A 260 13.09 35.69 24.58
CA ASP A 260 14.11 36.05 23.61
C ASP A 260 15.52 35.94 24.20
N SER A 261 15.63 36.12 25.51
CA SER A 261 16.93 36.18 26.16
C SER A 261 17.36 34.87 26.80
N GLU A 262 16.42 34.18 27.45
CA GLU A 262 16.77 33.01 28.24
C GLU A 262 16.32 31.68 27.60
N VAL A 263 15.70 31.75 26.44
CA VAL A 263 15.22 30.54 25.77
C VAL A 263 15.70 30.45 24.31
N LEU A 264 15.29 31.41 23.50
CA LEU A 264 15.60 31.39 22.07
C LEU A 264 17.08 31.57 21.80
N ARG A 265 17.70 32.53 22.48
CA ARG A 265 19.11 32.82 22.29
C ARG A 265 20.03 31.65 22.68
N PRO A 266 19.78 30.99 23.83
CA PRO A 266 20.64 29.82 24.12
C PRO A 266 20.47 28.70 23.09
N PHE A 267 19.27 28.55 22.53
CA PHE A 267 19.04 27.52 21.53
C PHE A 267 19.77 27.85 20.23
N LYS A 268 19.74 29.13 19.84
CA LYS A 268 20.43 29.56 18.63
C LYS A 268 21.93 29.37 18.77
N ASP A 269 22.44 29.57 19.98
CA ASP A 269 23.86 29.35 20.26
C ASP A 269 24.18 27.86 20.17
N ALA A 270 23.24 27.02 20.59
CA ALA A 270 23.41 25.58 20.52
C ALA A 270 23.46 25.12 19.06
N VAL A 271 22.63 25.73 18.23
CA VAL A 271 22.61 25.44 16.80
C VAL A 271 23.92 25.89 16.17
N VAL A 272 24.38 27.08 16.56
CA VAL A 272 25.65 27.62 16.07
C VAL A 272 26.81 26.70 16.40
N GLN A 273 26.88 26.24 17.65
CA GLN A 273 27.94 25.34 18.09
C GLN A 273 27.90 24.01 17.34
N GLN A 274 26.69 23.53 17.06
CA GLN A 274 26.51 22.27 16.33
C GLN A 274 27.01 22.40 14.90
N VAL A 275 26.61 23.47 14.22
CA VAL A 275 27.03 23.71 12.84
C VAL A 275 28.53 23.93 12.77
N SER A 276 29.07 24.67 13.74
CA SER A 276 30.51 24.94 13.80
C SER A 276 31.29 23.64 13.97
N ARG A 277 30.81 22.77 14.83
CA ARG A 277 31.47 21.48 15.08
C ARG A 277 31.42 20.59 13.85
N SER A 278 30.30 20.61 13.13
CA SER A 278 30.12 19.81 11.94
C SER A 278 31.08 20.20 10.82
N LEU A 279 31.26 21.52 10.65
CA LEU A 279 32.14 22.04 9.61
C LEU A 279 33.60 21.66 9.87
N GLN A 280 33.98 21.63 11.15
CA GLN A 280 35.35 21.29 11.52
C GLN A 280 35.66 19.83 11.19
N PHE A 281 34.64 18.99 11.22
CA PHE A 281 34.81 17.58 10.87
C PHE A 281 35.02 17.40 9.37
N PHE A 282 34.33 18.22 8.58
CA PHE A 282 34.48 18.16 7.13
C PHE A 282 35.86 18.66 6.69
N PHE A 283 36.32 19.74 7.31
CA PHE A 283 37.61 20.33 6.97
C PHE A 283 38.75 19.37 7.28
N ALA A 284 38.59 18.59 8.34
CA ALA A 284 39.62 17.64 8.76
C ALA A 284 39.51 16.33 7.98
N ALA A 285 38.45 16.20 7.19
CA ALA A 285 38.21 14.98 6.44
C ALA A 285 38.67 15.11 4.99
N GLY A 286 38.73 16.34 4.50
CA GLY A 286 39.10 16.58 3.11
C GLY A 286 40.19 17.63 2.95
N GLN A 287 40.38 18.07 1.71
CA GLN A 287 41.42 19.05 1.40
C GLN A 287 40.94 20.48 1.57
N PHE A 288 39.66 20.63 1.93
CA PHE A 288 39.07 21.95 2.11
C PHE A 288 39.28 22.48 3.52
N ASN A 289 39.57 23.78 3.61
CA ASN A 289 39.74 24.44 4.89
C ASN A 289 38.59 25.41 5.17
N ASP A 290 37.82 25.69 4.13
CA ASP A 290 36.67 26.59 4.24
C ASP A 290 35.69 26.36 3.09
N VAL A 291 34.49 26.90 3.23
CA VAL A 291 33.49 26.81 2.18
C VAL A 291 33.07 28.22 1.72
N ASP A 292 32.55 28.31 0.51
CA ASP A 292 32.16 29.59 -0.06
C ASP A 292 30.88 30.13 0.59
N TYR A 293 29.91 29.26 0.79
CA TYR A 293 28.63 29.66 1.36
C TYR A 293 28.07 28.62 2.32
N ILE A 294 27.16 29.05 3.18
CA ILE A 294 26.44 28.15 4.07
C ILE A 294 24.94 28.31 3.87
N VAL A 295 24.29 27.29 3.34
CA VAL A 295 22.86 27.34 3.05
C VAL A 295 22.06 26.61 4.13
N LEU A 296 21.11 27.31 4.72
CA LEU A 296 20.29 26.73 5.79
C LEU A 296 18.96 26.22 5.26
N ALA A 297 18.63 24.99 5.62
CA ALA A 297 17.36 24.39 5.23
C ALA A 297 16.62 23.86 6.45
N GLY A 298 15.38 23.41 6.25
CA GLY A 298 14.56 22.93 7.35
C GLY A 298 13.72 24.02 7.96
N GLY A 299 12.74 23.64 8.76
CA GLY A 299 11.85 24.60 9.39
C GLY A 299 12.54 25.49 10.41
N THR A 300 13.58 24.96 11.05
CA THR A 300 14.30 25.67 12.09
C THR A 300 15.17 26.78 11.50
N ALA A 301 15.44 26.68 10.20
CA ALA A 301 16.31 27.65 9.53
C ALA A 301 15.66 29.02 9.37
N SER A 302 14.38 29.12 9.69
CA SER A 302 13.63 30.36 9.50
C SER A 302 13.69 31.27 10.73
N ILE A 303 14.32 30.78 11.80
CA ILE A 303 14.44 31.56 13.03
C ILE A 303 15.19 32.87 12.77
N GLN A 304 14.64 33.96 13.29
CA GLN A 304 15.18 35.30 13.05
C GLN A 304 16.64 35.43 13.45
N ASP A 305 17.45 35.92 12.52
CA ASP A 305 18.87 36.18 12.73
C ASP A 305 19.68 34.94 13.09
N LEU A 306 19.11 33.75 12.86
CA LEU A 306 19.85 32.51 13.07
C LEU A 306 20.96 32.39 12.03
N ASP A 307 20.66 32.85 10.82
CA ASP A 307 21.63 32.86 9.74
C ASP A 307 22.79 33.82 10.05
N ARG A 308 22.48 34.88 10.79
CA ARG A 308 23.49 35.86 11.17
C ARG A 308 24.43 35.35 12.25
N LEU A 309 23.87 34.63 13.22
CA LEU A 309 24.67 34.08 14.31
C LEU A 309 25.66 33.03 13.80
N ILE A 310 25.22 32.22 12.85
CA ILE A 310 26.08 31.22 12.24
C ILE A 310 27.16 31.89 11.40
N GLN A 311 26.76 32.89 10.61
CA GLN A 311 27.68 33.66 9.79
C GLN A 311 28.70 34.39 10.67
N GLN A 312 28.25 34.79 11.86
CA GLN A 312 29.12 35.47 12.82
C GLN A 312 30.22 34.54 13.32
N LYS A 313 29.86 33.31 13.62
CA LYS A 313 30.80 32.34 14.19
C LYS A 313 31.75 31.78 13.14
N ILE A 314 31.21 31.37 11.99
CA ILE A 314 32.01 30.72 10.95
C ILE A 314 32.82 31.73 10.15
N GLY A 315 32.24 32.90 9.87
CA GLY A 315 32.89 33.90 9.05
C GLY A 315 32.65 33.62 7.58
N THR A 316 31.56 32.89 7.31
CA THR A 316 31.20 32.52 5.95
C THR A 316 29.77 32.97 5.67
N PRO A 317 29.55 33.62 4.51
CA PRO A 317 28.23 34.09 4.08
C PRO A 317 27.15 33.02 4.23
N THR A 318 26.15 33.30 5.06
CA THR A 318 25.09 32.35 5.35
C THR A 318 23.74 32.90 4.93
N LEU A 319 22.95 32.08 4.24
CA LEU A 319 21.63 32.49 3.79
C LEU A 319 20.60 31.37 3.93
N VAL A 320 19.34 31.76 4.06
CA VAL A 320 18.24 30.80 4.16
C VAL A 320 17.81 30.35 2.77
N ALA A 321 17.68 29.05 2.58
CA ALA A 321 17.36 28.47 1.28
C ALA A 321 16.00 28.92 0.76
N ASN A 322 15.97 29.35 -0.49
CA ASN A 322 14.73 29.70 -1.17
C ASN A 322 14.77 29.23 -2.63
N PRO A 323 14.21 28.04 -2.90
CA PRO A 323 14.26 27.43 -4.22
C PRO A 323 13.13 27.90 -5.14
N PHE A 324 12.30 28.82 -4.66
CA PHE A 324 11.18 29.30 -5.44
C PHE A 324 11.36 30.76 -5.87
N ALA A 325 12.61 31.21 -5.91
CA ALA A 325 12.92 32.59 -6.25
C ALA A 325 12.67 32.88 -7.74
N ASP A 326 13.05 31.93 -8.58
CA ASP A 326 12.91 32.09 -10.03
C ASP A 326 11.76 31.26 -10.59
N MET A 327 10.73 31.03 -9.78
CA MET A 327 9.60 30.21 -10.23
C MET A 327 8.30 31.00 -10.34
N ALA A 328 7.45 30.57 -11.25
CA ALA A 328 6.10 31.12 -11.35
C ALA A 328 5.23 30.51 -10.25
N LEU A 329 4.06 31.09 -10.03
CA LEU A 329 3.20 30.64 -8.93
C LEU A 329 1.76 30.45 -9.37
N ASN A 330 1.13 29.39 -8.86
CA ASN A 330 -0.27 29.12 -9.16
C ASN A 330 -1.18 29.99 -8.31
N GLY A 331 -2.40 30.22 -8.80
CA GLY A 331 -3.34 31.10 -8.13
C GLY A 331 -3.79 30.64 -6.75
N LYS A 332 -3.92 29.33 -6.57
CA LYS A 332 -4.40 28.79 -5.30
C LYS A 332 -3.29 28.68 -4.26
N VAL A 333 -2.07 29.03 -4.66
CA VAL A 333 -0.93 28.97 -3.75
C VAL A 333 -0.65 30.33 -3.12
N ASN A 334 -0.69 30.39 -1.79
CA ASN A 334 -0.41 31.62 -1.07
C ASN A 334 1.09 31.95 -1.11
N ALA A 335 1.42 33.10 -1.66
CA ALA A 335 2.81 33.51 -1.82
C ALA A 335 3.51 33.71 -0.48
N GLY A 336 2.77 34.24 0.49
CA GLY A 336 3.31 34.51 1.81
C GLY A 336 3.60 33.25 2.59
N ALA A 337 2.63 32.33 2.61
CA ALA A 337 2.76 31.08 3.35
C ALA A 337 3.86 30.20 2.76
N LEU A 338 3.99 30.23 1.43
CA LEU A 338 5.01 29.44 0.75
C LEU A 338 6.41 29.93 1.09
N ALA A 339 6.57 31.25 1.16
CA ALA A 339 7.86 31.85 1.46
C ALA A 339 8.34 31.47 2.85
N SER A 340 7.40 31.27 3.77
CA SER A 340 7.73 30.90 5.14
C SER A 340 8.16 29.44 5.24
N ASP A 341 7.57 28.59 4.40
CA ASP A 341 7.85 27.17 4.42
C ASP A 341 8.94 26.77 3.43
N ALA A 342 9.43 27.74 2.67
CA ALA A 342 10.38 27.50 1.58
C ALA A 342 11.65 26.71 1.99
N PRO A 343 12.34 27.12 3.08
CA PRO A 343 13.55 26.36 3.40
C PRO A 343 13.27 24.95 3.91
N ALA A 344 12.03 24.70 4.32
CA ALA A 344 11.64 23.38 4.80
C ALA A 344 11.20 22.49 3.66
N LEU A 345 11.08 23.06 2.46
CA LEU A 345 10.61 22.31 1.31
C LEU A 345 11.72 21.97 0.33
N MET A 346 12.97 22.03 0.79
CA MET A 346 14.12 21.74 -0.07
C MET A 346 14.12 20.29 -0.55
N ILE A 347 13.86 19.36 0.37
CA ILE A 347 13.83 17.95 0.03
C ILE A 347 12.66 17.63 -0.89
N ALA A 348 11.49 18.17 -0.55
CA ALA A 348 10.28 17.94 -1.35
C ALA A 348 10.42 18.54 -2.74
N CYS A 349 11.17 19.62 -2.85
CA CYS A 349 11.40 20.28 -4.13
C CYS A 349 12.28 19.42 -5.02
N GLY A 350 13.34 18.86 -4.44
CA GLY A 350 14.26 18.02 -5.17
C GLY A 350 13.61 16.74 -5.68
N LEU A 351 12.66 16.22 -4.90
CA LEU A 351 11.94 15.02 -5.29
C LEU A 351 11.01 15.31 -6.47
N ALA A 352 10.41 16.50 -6.45
CA ALA A 352 9.49 16.90 -7.51
C ALA A 352 10.22 17.16 -8.82
N LEU A 353 11.52 17.43 -8.73
CA LEU A 353 12.32 17.71 -9.92
C LEU A 353 12.65 16.45 -10.71
N ARG A 354 12.25 15.30 -10.18
CA ARG A 354 12.42 14.03 -10.87
C ARG A 354 11.37 13.85 -11.98
N SER A 355 10.45 14.80 -12.06
CA SER A 355 9.42 14.79 -13.08
C SER A 355 10.00 15.14 -14.45
N PHE A 356 11.12 15.87 -14.43
CA PHE A 356 11.77 16.33 -15.66
C PHE A 356 13.19 15.80 -15.77
N ASP A 357 13.61 15.45 -16.99
CA ASP A 357 14.94 14.90 -17.20
C ASP A 357 15.96 16.00 -17.47
N ALA A 362 22.97 11.80 -13.01
CA ALA A 362 22.99 10.57 -12.24
C ALA A 362 21.76 10.45 -11.34
N ARG A 363 20.82 9.60 -11.73
CA ARG A 363 19.58 9.43 -10.97
C ARG A 363 19.44 8.01 -10.46
N ILE A 364 18.87 7.87 -9.28
CA ILE A 364 18.75 6.59 -8.64
C ILE A 364 17.28 6.27 -8.46
N ASN A 365 16.94 5.01 -8.60
CA ASN A 365 15.62 4.50 -8.27
C ASN A 365 15.74 3.17 -7.53
N LEU A 366 15.35 3.16 -6.26
CA LEU A 366 15.48 1.97 -5.43
C LEU A 366 14.28 1.03 -5.59
N LEU A 367 13.33 1.41 -6.43
CA LEU A 367 12.22 0.53 -6.76
C LEU A 367 12.71 -0.63 -7.61
N PRO A 368 12.18 -1.83 -7.34
CA PRO A 368 12.54 -3.00 -8.16
C PRO A 368 11.98 -2.87 -9.56
N TRP A 369 12.77 -3.25 -10.56
CA TRP A 369 12.32 -3.16 -11.95
C TRP A 369 11.18 -4.14 -12.19
N ARG A 370 10.19 -3.70 -12.97
CA ARG A 370 9.02 -4.52 -13.25
C ARG A 370 8.69 -4.52 -14.74
N ASN B 13 2.61 -10.69 -17.24
CA ASN B 13 1.91 -11.74 -17.98
C ASN B 13 0.77 -12.34 -17.16
N THR B 14 1.09 -13.37 -16.38
CA THR B 14 0.10 -13.99 -15.51
C THR B 14 0.06 -13.28 -14.16
N LEU B 15 -1.05 -13.42 -13.44
CA LEU B 15 -1.25 -12.72 -12.18
C LEU B 15 -1.51 -13.69 -11.03
N LEU B 16 -0.92 -13.40 -9.88
CA LEU B 16 -1.13 -14.21 -8.69
C LEU B 16 -2.54 -14.05 -8.15
N GLY B 17 -3.17 -15.17 -7.80
CA GLY B 17 -4.46 -15.14 -7.15
C GLY B 17 -4.27 -15.19 -5.65
N ILE B 18 -4.57 -14.09 -4.97
CA ILE B 18 -4.37 -14.01 -3.53
C ILE B 18 -5.68 -13.77 -2.79
N ASP B 19 -6.12 -14.78 -2.04
CA ASP B 19 -7.33 -14.68 -1.23
C ASP B 19 -6.96 -14.38 0.22
N ILE B 20 -7.36 -13.19 0.69
CA ILE B 20 -7.12 -12.80 2.06
C ILE B 20 -8.39 -12.97 2.89
N SER B 21 -8.36 -13.92 3.81
CA SER B 21 -9.50 -14.32 4.63
C SER B 21 -9.18 -14.30 6.11
N SER B 22 -10.18 -14.50 6.93
CA SER B 22 -10.08 -14.24 8.37
C SER B 22 -9.02 -15.10 9.06
N THR B 23 -8.79 -16.30 8.55
CA THR B 23 -7.90 -17.24 9.22
C THR B 23 -6.57 -17.44 8.50
N SER B 24 -6.53 -17.17 7.20
CA SER B 24 -5.31 -17.40 6.44
C SER B 24 -5.22 -16.58 5.16
N VAL B 25 -4.02 -16.60 4.57
CA VAL B 25 -3.78 -15.99 3.27
C VAL B 25 -3.46 -17.08 2.26
N LYS B 26 -4.22 -17.12 1.16
CA LYS B 26 -4.06 -18.18 0.17
C LYS B 26 -3.55 -17.64 -1.17
N LEU B 27 -2.49 -18.26 -1.68
CA LEU B 27 -1.89 -17.86 -2.94
C LEU B 27 -1.98 -18.99 -3.97
N LEU B 28 -2.30 -18.64 -5.21
CA LEU B 28 -2.35 -19.61 -6.29
C LEU B 28 -1.89 -19.00 -7.61
N GLU B 29 -0.95 -19.65 -8.28
CA GLU B 29 -0.48 -19.21 -9.58
C GLU B 29 -0.87 -20.21 -10.67
N LEU B 30 -1.57 -19.73 -11.69
CA LEU B 30 -2.02 -20.58 -12.77
C LEU B 30 -1.35 -20.20 -14.10
N SER B 31 -1.22 -21.19 -14.98
CA SER B 31 -0.75 -20.95 -16.34
C SER B 31 -1.58 -21.78 -17.31
N ARG B 32 -1.71 -21.30 -18.54
CA ARG B 32 -2.54 -21.99 -19.53
C ARG B 32 -1.78 -22.22 -20.83
N SER B 33 -1.91 -23.42 -21.37
CA SER B 33 -1.25 -23.78 -22.62
C SER B 33 -1.98 -24.94 -23.30
N GLY B 34 -2.37 -24.74 -24.56
CA GLY B 34 -3.07 -25.76 -25.32
C GLY B 34 -4.48 -25.97 -24.83
N GLY B 35 -5.04 -24.98 -24.16
CA GLY B 35 -6.40 -25.05 -23.66
C GLY B 35 -6.50 -25.78 -22.33
N ARG B 36 -5.35 -25.99 -21.69
CA ARG B 36 -5.31 -26.68 -20.41
C ARG B 36 -4.63 -25.83 -19.34
N TYR B 37 -5.30 -25.68 -18.21
CA TYR B 37 -4.75 -24.91 -17.09
C TYR B 37 -3.71 -25.72 -16.33
N LYS B 38 -2.85 -25.03 -15.60
CA LYS B 38 -1.79 -25.67 -14.84
C LYS B 38 -1.47 -24.92 -13.56
N VAL B 39 -1.41 -25.65 -12.44
CA VAL B 39 -1.04 -25.05 -11.17
C VAL B 39 0.48 -24.92 -11.05
N GLU B 40 0.97 -23.69 -11.16
CA GLU B 40 2.41 -23.44 -11.12
C GLU B 40 2.93 -23.36 -9.69
N ALA B 41 2.17 -22.68 -8.83
CA ALA B 41 2.58 -22.52 -7.43
C ALA B 41 1.35 -22.29 -6.53
N TYR B 42 1.48 -22.72 -5.29
CA TYR B 42 0.39 -22.58 -4.32
C TYR B 42 0.91 -22.66 -2.89
N ALA B 43 0.32 -21.85 -2.01
CA ALA B 43 0.66 -21.90 -0.59
C ALA B 43 -0.45 -21.28 0.25
N VAL B 44 -0.61 -21.79 1.47
CA VAL B 44 -1.57 -21.25 2.42
C VAL B 44 -0.86 -20.90 3.72
N GLU B 45 -0.85 -19.61 4.06
CA GLU B 45 -0.20 -19.15 5.27
C GLU B 45 -1.24 -18.66 6.28
N PRO B 46 -1.20 -19.23 7.50
CA PRO B 46 -2.16 -18.87 8.55
C PRO B 46 -1.95 -17.45 9.05
N LEU B 47 -3.06 -16.77 9.37
CA LEU B 47 -3.00 -15.42 9.91
C LEU B 47 -3.16 -15.45 11.43
N PRO B 48 -2.51 -14.51 12.13
CA PRO B 48 -2.75 -14.38 13.57
C PRO B 48 -4.20 -13.99 13.83
N PRO B 49 -4.74 -14.36 15.00
CA PRO B 49 -6.14 -14.03 15.30
C PRO B 49 -6.39 -12.51 15.27
N ASN B 50 -7.57 -12.14 14.79
CA ASN B 50 -8.02 -10.74 14.73
C ASN B 50 -7.21 -9.88 13.76
N ALA B 51 -6.40 -10.51 12.91
CA ALA B 51 -5.67 -9.78 11.89
C ALA B 51 -6.63 -9.35 10.77
N VAL B 52 -7.53 -10.26 10.42
CA VAL B 52 -8.58 -9.97 9.46
C VAL B 52 -9.94 -10.36 10.04
N VAL B 53 -10.85 -9.39 10.14
CA VAL B 53 -12.18 -9.64 10.70
C VAL B 53 -13.27 -9.36 9.68
N GLU B 54 -14.00 -10.42 9.31
CA GLU B 54 -15.09 -10.34 8.35
C GLU B 54 -14.66 -9.68 7.04
N LYS B 55 -13.65 -10.27 6.39
CA LYS B 55 -13.14 -9.81 5.10
C LYS B 55 -12.64 -8.36 5.16
N ASN B 56 -12.33 -7.88 6.37
CA ASN B 56 -11.74 -6.56 6.54
C ASN B 56 -10.39 -6.65 7.24
N ILE B 57 -9.37 -6.10 6.59
CA ILE B 57 -8.04 -6.08 7.18
C ILE B 57 -8.01 -5.16 8.39
N VAL B 58 -7.70 -5.73 9.55
CA VAL B 58 -7.64 -4.95 10.79
C VAL B 58 -6.19 -4.65 11.16
N GLU B 59 -5.35 -5.68 11.15
CA GLU B 59 -3.93 -5.51 11.43
C GLU B 59 -3.12 -5.57 10.14
N LEU B 60 -2.77 -4.39 9.62
CA LEU B 60 -2.13 -4.28 8.33
C LEU B 60 -0.74 -4.94 8.28
N GLU B 61 0.07 -4.69 9.31
CA GLU B 61 1.41 -5.26 9.38
C GLU B 61 1.38 -6.79 9.43
N GLY B 62 0.41 -7.33 10.14
CA GLY B 62 0.28 -8.77 10.27
C GLY B 62 -0.05 -9.46 8.96
N VAL B 63 -0.90 -8.82 8.17
CA VAL B 63 -1.29 -9.37 6.87
C VAL B 63 -0.12 -9.30 5.89
N GLY B 64 0.58 -8.17 5.90
CA GLY B 64 1.74 -7.97 5.03
C GLY B 64 2.85 -8.96 5.31
N GLN B 65 3.01 -9.33 6.58
CA GLN B 65 4.03 -10.29 6.98
C GLN B 65 3.66 -11.70 6.54
N ALA B 66 2.37 -12.00 6.59
CA ALA B 66 1.88 -13.31 6.15
C ALA B 66 1.94 -13.43 4.65
N LEU B 67 1.68 -12.32 3.95
CA LEU B 67 1.80 -12.27 2.51
C LEU B 67 3.25 -12.52 2.08
N SER B 68 4.18 -11.98 2.86
CA SER B 68 5.60 -12.18 2.58
C SER B 68 5.99 -13.65 2.79
N ARG B 69 5.46 -14.26 3.84
CA ARG B 69 5.76 -15.64 4.17
C ARG B 69 5.11 -16.63 3.21
N VAL B 70 3.94 -16.28 2.69
CA VAL B 70 3.24 -17.16 1.77
C VAL B 70 3.89 -17.14 0.39
N LEU B 71 4.62 -16.05 0.10
CA LEU B 71 5.35 -15.95 -1.15
C LEU B 71 6.54 -16.91 -1.15
N VAL B 72 7.27 -16.93 -0.04
CA VAL B 72 8.43 -17.80 0.11
C VAL B 72 8.02 -19.26 0.08
N LYS B 73 6.91 -19.58 0.73
CA LYS B 73 6.42 -20.95 0.81
C LYS B 73 5.96 -21.45 -0.56
N ALA B 74 5.41 -20.54 -1.36
CA ALA B 74 4.91 -20.90 -2.69
C ALA B 74 6.04 -20.98 -3.71
N LYS B 75 7.18 -20.36 -3.37
CA LYS B 75 8.35 -20.34 -4.24
C LYS B 75 8.03 -19.75 -5.63
N THR B 76 7.27 -18.66 -5.63
CA THR B 76 6.90 -18.00 -6.88
C THR B 76 7.73 -16.73 -7.09
N ASN B 77 7.90 -16.34 -8.35
CA ASN B 77 8.67 -15.16 -8.69
C ASN B 77 7.79 -13.99 -9.15
N LEU B 78 6.51 -14.25 -9.32
CA LEU B 78 5.57 -13.21 -9.74
C LEU B 78 5.42 -12.13 -8.68
N LYS B 79 5.20 -10.89 -9.12
CA LYS B 79 5.06 -9.77 -8.21
C LYS B 79 3.74 -9.04 -8.41
N SER B 80 2.99 -9.45 -9.44
CA SER B 80 1.67 -8.88 -9.70
C SER B 80 0.58 -9.83 -9.23
N ALA B 81 -0.45 -9.30 -8.58
CA ALA B 81 -1.47 -10.14 -7.99
C ALA B 81 -2.89 -9.63 -8.23
N VAL B 82 -3.86 -10.52 -8.05
CA VAL B 82 -5.27 -10.17 -8.12
C VAL B 82 -5.94 -10.43 -6.78
N VAL B 83 -6.49 -9.39 -6.17
CA VAL B 83 -7.19 -9.52 -4.90
C VAL B 83 -8.65 -9.14 -5.05
N ALA B 84 -9.43 -9.31 -3.99
CA ALA B 84 -10.85 -9.04 -4.03
C ALA B 84 -11.37 -8.46 -2.73
N VAL B 85 -12.42 -7.66 -2.82
CA VAL B 85 -13.10 -7.14 -1.63
C VAL B 85 -14.46 -7.81 -1.49
N ALA B 86 -14.95 -7.88 -0.25
CA ALA B 86 -16.27 -8.44 0.04
C ALA B 86 -16.71 -8.04 1.43
N GLY B 87 -17.94 -8.40 1.79
CA GLY B 87 -18.49 -8.04 3.08
C GLY B 87 -19.77 -7.24 2.97
N SER B 88 -20.18 -6.62 4.08
CA SER B 88 -21.42 -5.86 4.14
C SER B 88 -21.25 -4.46 3.56
N ALA B 89 -20.01 -4.03 3.41
CA ALA B 89 -19.73 -2.70 2.87
C ALA B 89 -19.53 -2.74 1.36
N VAL B 90 -19.54 -3.93 0.78
CA VAL B 90 -19.35 -4.08 -0.66
C VAL B 90 -20.68 -4.41 -1.33
N ILE B 91 -21.02 -3.66 -2.38
CA ILE B 91 -22.30 -3.85 -3.07
C ILE B 91 -22.13 -4.26 -4.53
N THR B 92 -23.13 -4.98 -5.04
CA THR B 92 -23.18 -5.38 -6.43
C THR B 92 -24.63 -5.28 -6.93
N LYS B 93 -24.82 -4.55 -8.02
CA LYS B 93 -26.14 -4.35 -8.57
C LYS B 93 -26.15 -4.30 -10.09
N THR B 94 -27.30 -4.65 -10.67
CA THR B 94 -27.52 -4.54 -12.11
C THR B 94 -28.67 -3.57 -12.35
N ILE B 95 -28.35 -2.39 -12.86
CA ILE B 95 -29.36 -1.36 -13.11
C ILE B 95 -29.74 -1.32 -14.58
N GLU B 96 -30.94 -0.81 -14.86
CA GLU B 96 -31.40 -0.65 -16.23
C GLU B 96 -31.70 0.81 -16.51
N MET B 97 -31.13 1.34 -17.59
CA MET B 97 -31.29 2.74 -17.94
C MET B 97 -31.40 2.93 -19.45
N GLU B 98 -31.60 4.17 -19.87
CA GLU B 98 -31.74 4.49 -21.29
C GLU B 98 -30.50 4.10 -22.08
N ALA B 99 -30.71 3.55 -23.28
CA ALA B 99 -29.61 3.11 -24.13
C ALA B 99 -29.12 4.24 -25.02
N GLY B 100 -27.82 4.26 -25.27
CA GLY B 100 -27.22 5.26 -26.14
C GLY B 100 -26.81 6.53 -25.42
N LEU B 101 -26.86 6.49 -24.10
CA LEU B 101 -26.46 7.64 -23.29
C LEU B 101 -24.96 7.86 -23.38
N SER B 102 -24.56 9.11 -23.24
CA SER B 102 -23.16 9.43 -23.26
C SER B 102 -22.46 9.02 -21.99
N GLU B 103 -21.14 8.98 -22.11
CA GLU B 103 -20.28 8.62 -21.02
C GLU B 103 -20.53 9.60 -19.91
N ASP B 104 -20.79 10.85 -20.26
CA ASP B 104 -21.10 11.86 -19.24
C ASP B 104 -22.39 11.52 -18.51
N GLU B 105 -23.43 11.23 -19.27
CA GLU B 105 -24.73 10.87 -18.70
C GLU B 105 -24.66 9.56 -17.94
N LEU B 106 -24.03 8.57 -18.56
CA LEU B 106 -23.92 7.22 -18.01
C LEU B 106 -23.20 7.22 -16.66
N GLU B 107 -22.24 8.13 -16.51
CA GLU B 107 -21.45 8.21 -15.29
C GLU B 107 -22.11 9.12 -14.27
N ASN B 108 -22.81 10.14 -14.75
CA ASN B 108 -23.51 11.07 -13.87
C ASN B 108 -24.81 10.49 -13.31
N GLN B 109 -25.23 9.35 -13.86
CA GLN B 109 -26.40 8.66 -13.35
C GLN B 109 -25.99 7.46 -12.50
N LEU B 110 -24.93 6.77 -12.91
CA LEU B 110 -24.40 5.64 -12.16
C LEU B 110 -23.97 6.08 -10.77
N LYS B 111 -23.47 7.30 -10.67
CA LYS B 111 -23.15 7.90 -9.38
C LYS B 111 -24.42 8.23 -8.62
N ILE B 112 -25.43 8.69 -9.37
CA ILE B 112 -26.72 9.03 -8.78
C ILE B 112 -27.46 7.76 -8.30
N GLU B 113 -27.03 6.62 -8.83
CA GLU B 113 -27.56 5.33 -8.38
C GLU B 113 -26.84 4.90 -7.11
N ALA B 114 -25.51 5.00 -7.14
CA ALA B 114 -24.68 4.61 -6.00
C ALA B 114 -24.83 5.59 -4.84
N ASP B 115 -25.31 6.79 -5.14
CA ASP B 115 -25.58 7.79 -4.10
C ASP B 115 -26.76 7.36 -3.25
N GLN B 116 -27.56 6.44 -3.79
CA GLN B 116 -28.69 5.88 -3.06
C GLN B 116 -28.43 4.41 -2.73
N TYR B 117 -27.17 4.01 -2.80
CA TYR B 117 -26.78 2.63 -2.54
C TYR B 117 -25.62 2.56 -1.55
N ILE B 118 -24.74 3.55 -1.62
CA ILE B 118 -23.57 3.60 -0.75
C ILE B 118 -23.80 4.55 0.42
N PRO B 119 -23.43 4.12 1.63
CA PRO B 119 -23.62 4.90 2.86
C PRO B 119 -22.65 6.07 3.00
N TYR B 120 -21.70 6.18 2.07
CA TYR B 120 -20.65 7.18 2.16
C TYR B 120 -20.72 8.18 1.00
N PRO B 121 -20.16 9.39 1.20
CA PRO B 121 -20.05 10.36 0.10
C PRO B 121 -19.24 9.80 -1.06
N LEU B 122 -19.50 10.32 -2.27
CA LEU B 122 -18.94 9.75 -3.49
C LEU B 122 -17.42 9.80 -3.57
N GLU B 123 -16.82 10.75 -2.85
CA GLU B 123 -15.37 10.90 -2.91
C GLU B 123 -14.64 9.84 -2.08
N GLU B 124 -15.40 9.03 -1.35
CA GLU B 124 -14.81 7.97 -0.54
C GLU B 124 -15.24 6.59 -1.03
N VAL B 125 -15.85 6.55 -2.21
CA VAL B 125 -16.36 5.30 -2.76
C VAL B 125 -15.71 4.96 -4.11
N ALA B 126 -15.16 3.76 -4.20
CA ALA B 126 -14.61 3.26 -5.45
C ALA B 126 -15.72 2.63 -6.30
N ILE B 127 -15.87 3.11 -7.52
CA ILE B 127 -16.97 2.66 -8.39
C ILE B 127 -16.46 2.18 -9.75
N ASP B 128 -16.94 1.02 -10.17
CA ASP B 128 -16.65 0.52 -11.51
C ASP B 128 -17.93 -0.03 -12.14
N PHE B 129 -18.08 0.17 -13.45
CA PHE B 129 -19.27 -0.29 -14.15
C PHE B 129 -18.92 -0.96 -15.47
N GLU B 130 -19.87 -1.71 -16.01
CA GLU B 130 -19.67 -2.38 -17.30
C GLU B 130 -21.02 -2.58 -18.00
N VAL B 131 -21.04 -2.33 -19.31
CA VAL B 131 -22.25 -2.49 -20.09
C VAL B 131 -22.40 -3.92 -20.60
N GLN B 132 -23.48 -4.58 -20.19
CA GLN B 132 -23.69 -5.98 -20.54
C GLN B 132 -24.48 -6.13 -21.85
N GLY B 133 -25.07 -5.04 -22.30
CA GLY B 133 -25.83 -5.05 -23.54
C GLY B 133 -27.29 -4.69 -23.32
N LEU B 134 -28.04 -4.65 -24.43
CA LEU B 134 -29.45 -4.27 -24.39
C LEU B 134 -30.26 -5.26 -23.56
N SER B 135 -31.39 -4.78 -23.03
CA SER B 135 -32.24 -5.59 -22.17
C SER B 135 -32.93 -6.71 -22.93
N ARG B 137 -36.06 -7.27 -22.47
CA ARG B 137 -37.47 -6.85 -22.47
C ARG B 137 -37.66 -5.65 -23.38
N ASN B 138 -36.78 -4.66 -23.22
CA ASN B 138 -36.83 -3.46 -24.05
C ASN B 138 -35.45 -3.07 -24.56
N PRO B 139 -35.25 -3.16 -25.87
CA PRO B 139 -33.94 -2.85 -26.40
C PRO B 139 -33.65 -1.42 -26.02
N GLU B 140 -34.67 -0.58 -26.08
CA GLU B 140 -34.48 0.85 -25.90
C GLU B 140 -33.77 1.16 -24.59
N ARG B 141 -33.58 0.13 -23.77
CA ARG B 141 -32.86 0.26 -22.51
C ARG B 141 -31.67 -0.70 -22.46
N VAL B 142 -30.75 -0.45 -21.55
CA VAL B 142 -29.53 -1.25 -21.44
C VAL B 142 -29.25 -1.67 -20.00
N ASP B 143 -28.76 -2.89 -19.82
CA ASP B 143 -28.39 -3.39 -18.50
C ASP B 143 -26.94 -3.06 -18.17
N VAL B 144 -26.74 -2.40 -17.03
CA VAL B 144 -25.40 -2.01 -16.60
C VAL B 144 -25.05 -2.63 -15.25
N LEU B 145 -23.91 -3.32 -15.19
CA LEU B 145 -23.44 -3.92 -13.95
C LEU B 145 -22.72 -2.90 -13.10
N LEU B 146 -23.08 -2.82 -11.82
CA LEU B 146 -22.51 -1.85 -10.90
C LEU B 146 -21.80 -2.50 -9.73
N ALA B 147 -20.55 -2.13 -9.52
CA ALA B 147 -19.77 -2.62 -8.38
C ALA B 147 -19.18 -1.43 -7.62
N ALA B 148 -19.39 -1.40 -6.31
CA ALA B 148 -18.93 -0.26 -5.51
C ALA B 148 -18.53 -0.68 -4.10
N CYS B 149 -17.54 0.02 -3.56
CA CYS B 149 -17.08 -0.22 -2.20
C CYS B 149 -16.35 1.02 -1.69
N ARG B 150 -16.10 1.06 -0.38
CA ARG B 150 -15.35 2.16 0.21
C ARG B 150 -13.91 2.12 -0.28
N LYS B 151 -13.37 3.28 -0.63
CA LYS B 151 -12.02 3.38 -1.18
C LYS B 151 -10.95 2.85 -0.22
N GLU B 152 -11.24 2.92 1.07
CA GLU B 152 -10.30 2.44 2.09
C GLU B 152 -10.02 0.95 1.94
N ASN B 153 -11.06 0.19 1.62
CA ASN B 153 -10.93 -1.26 1.43
C ASN B 153 -9.98 -1.62 0.29
N VAL B 154 -9.99 -0.80 -0.75
CA VAL B 154 -9.11 -1.02 -1.89
C VAL B 154 -7.68 -0.59 -1.54
N GLU B 155 -7.56 0.55 -0.86
CA GLU B 155 -6.25 1.11 -0.52
C GLU B 155 -5.49 0.24 0.48
N VAL B 156 -6.18 -0.24 1.51
CA VAL B 156 -5.55 -1.07 2.53
C VAL B 156 -4.99 -2.35 1.95
N ARG B 157 -5.71 -2.93 1.01
CA ARG B 157 -5.25 -4.12 0.35
C ARG B 157 -4.08 -3.86 -0.53
N GLU B 158 -4.04 -2.71 -1.15
CA GLU B 158 -2.89 -2.30 -1.93
C GLU B 158 -1.68 -2.11 -1.02
N ALA B 159 -1.93 -1.61 0.18
CA ALA B 159 -0.86 -1.39 1.15
C ALA B 159 -0.36 -2.72 1.71
N ALA B 160 -1.26 -3.68 1.85
CA ALA B 160 -0.90 -4.99 2.35
C ALA B 160 0.01 -5.72 1.37
N LEU B 161 -0.34 -5.65 0.08
CA LEU B 161 0.46 -6.26 -0.97
C LEU B 161 1.80 -5.56 -1.09
N ALA B 162 1.81 -4.26 -0.87
CA ALA B 162 3.03 -3.45 -0.97
C ALA B 162 4.04 -3.87 0.10
N LEU B 163 3.54 -4.28 1.26
CA LEU B 163 4.41 -4.73 2.35
C LEU B 163 5.14 -6.02 1.98
N ALA B 164 4.55 -6.79 1.06
CA ALA B 164 5.17 -8.03 0.61
C ALA B 164 5.88 -7.84 -0.72
N GLY B 165 5.96 -6.59 -1.17
CA GLY B 165 6.61 -6.26 -2.43
C GLY B 165 5.75 -6.66 -3.63
N LEU B 166 4.44 -6.73 -3.42
CA LEU B 166 3.52 -7.12 -4.47
C LEU B 166 2.71 -5.93 -4.96
N THR B 167 2.22 -6.02 -6.20
CA THR B 167 1.42 -4.96 -6.79
C THR B 167 0.08 -5.50 -7.28
N ALA B 168 -1.00 -4.82 -6.89
CA ALA B 168 -2.34 -5.21 -7.33
C ALA B 168 -2.62 -4.69 -8.73
N LYS B 169 -2.93 -5.61 -9.64
CA LYS B 169 -3.30 -5.23 -11.00
C LYS B 169 -4.81 -5.23 -11.15
N VAL B 170 -5.48 -6.07 -10.37
CA VAL B 170 -6.93 -6.16 -10.39
C VAL B 170 -7.50 -6.29 -8.98
N VAL B 171 -8.41 -5.40 -8.62
CA VAL B 171 -9.19 -5.55 -7.40
C VAL B 171 -10.63 -5.93 -7.77
N ASP B 172 -10.97 -7.20 -7.57
CA ASP B 172 -12.24 -7.74 -8.03
C ASP B 172 -13.24 -7.87 -6.88
N VAL B 173 -14.39 -8.46 -7.17
CA VAL B 173 -15.37 -8.82 -6.15
C VAL B 173 -15.42 -10.33 -6.07
N GLU B 174 -15.41 -10.86 -4.84
CA GLU B 174 -15.32 -12.30 -4.62
C GLU B 174 -16.38 -13.11 -5.35
N ALA B 175 -17.56 -12.52 -5.53
CA ALA B 175 -18.66 -13.20 -6.21
C ALA B 175 -18.30 -13.57 -7.65
N TYR B 176 -17.63 -12.66 -8.34
CA TYR B 176 -17.24 -12.90 -9.73
C TYR B 176 -16.06 -13.86 -9.81
N ALA B 177 -15.28 -13.93 -8.74
CA ALA B 177 -14.17 -14.88 -8.65
C ALA B 177 -14.71 -16.30 -8.55
N LEU B 178 -15.80 -16.45 -7.81
CA LEU B 178 -16.43 -17.76 -7.64
C LEU B 178 -17.01 -18.25 -8.97
N GLU B 179 -17.54 -17.33 -9.75
CA GLU B 179 -18.12 -17.68 -11.06
C GLU B 179 -17.08 -18.28 -11.99
N ARG B 180 -15.93 -17.60 -12.11
CA ARG B 180 -14.85 -18.06 -12.98
C ARG B 180 -14.31 -19.40 -12.53
N SER B 181 -14.24 -19.59 -11.21
CA SER B 181 -13.75 -20.83 -10.63
C SER B 181 -14.79 -21.95 -10.79
N TYR B 182 -16.06 -21.57 -10.84
CA TYR B 182 -17.15 -22.52 -10.97
C TYR B 182 -17.13 -23.22 -12.33
N ALA B 183 -16.66 -22.51 -13.35
CA ALA B 183 -16.65 -23.02 -14.71
C ALA B 183 -15.68 -24.19 -14.87
N LEU B 184 -14.80 -24.36 -13.88
CA LEU B 184 -13.80 -25.41 -13.92
C LEU B 184 -14.31 -26.71 -13.29
N LEU B 185 -15.57 -26.70 -12.88
CA LEU B 185 -16.17 -27.85 -12.21
C LEU B 185 -17.08 -28.65 -13.13
N SER B 186 -16.91 -28.46 -14.44
CA SER B 186 -17.77 -29.12 -15.43
C SER B 186 -17.62 -30.64 -15.40
N SER B 187 -16.43 -31.11 -15.02
CA SER B 187 -16.17 -32.54 -14.95
C SER B 187 -16.98 -33.21 -13.85
N GLN B 188 -17.02 -32.59 -12.68
CA GLN B 188 -17.76 -33.12 -11.55
C GLN B 188 -19.27 -33.02 -11.76
N LEU B 189 -19.69 -31.93 -12.40
CA LEU B 189 -21.10 -31.67 -12.61
C LEU B 189 -21.56 -32.17 -13.99
N ASP B 192 -21.89 -29.97 -18.21
CA ASP B 192 -21.97 -28.68 -18.87
C ASP B 192 -22.36 -27.59 -17.89
N THR B 193 -21.38 -26.80 -17.47
CA THR B 193 -21.58 -25.79 -16.44
C THR B 193 -22.61 -24.77 -16.87
N ASP B 194 -22.59 -24.41 -18.15
CA ASP B 194 -23.52 -23.41 -18.69
C ASP B 194 -24.92 -23.96 -18.94
N GLN B 195 -25.20 -25.18 -18.47
CA GLN B 195 -26.52 -25.77 -18.63
C GLN B 195 -27.13 -26.27 -17.31
N LEU B 196 -26.57 -25.86 -16.17
CA LEU B 196 -27.00 -26.37 -14.87
C LEU B 196 -27.40 -25.24 -13.93
N THR B 197 -28.11 -25.60 -12.86
CA THR B 197 -28.43 -24.67 -11.80
C THR B 197 -27.83 -25.19 -10.49
N VAL B 198 -26.72 -24.59 -10.08
CA VAL B 198 -25.93 -25.12 -8.96
C VAL B 198 -25.83 -24.13 -7.80
N ALA B 199 -26.08 -24.63 -6.59
CA ALA B 199 -25.90 -23.85 -5.38
C ALA B 199 -24.52 -24.09 -4.78
N VAL B 200 -23.71 -23.03 -4.72
CA VAL B 200 -22.38 -23.12 -4.12
C VAL B 200 -22.42 -22.61 -2.69
N VAL B 201 -22.07 -23.48 -1.75
CA VAL B 201 -22.07 -23.12 -0.34
C VAL B 201 -20.64 -22.99 0.18
N ASP B 202 -20.14 -21.75 0.24
CA ASP B 202 -18.81 -21.49 0.74
C ASP B 202 -18.84 -21.32 2.26
N ILE B 203 -18.38 -22.33 2.98
CA ILE B 203 -18.39 -22.30 4.43
C ILE B 203 -17.01 -21.96 4.98
N GLY B 204 -16.86 -20.73 5.43
CA GLY B 204 -15.60 -20.28 6.01
C GLY B 204 -15.51 -20.61 7.49
N ALA B 205 -14.76 -19.79 8.22
CA ALA B 205 -14.63 -19.98 9.66
C ALA B 205 -15.68 -19.20 10.43
N THR B 206 -15.91 -17.96 10.00
CA THR B 206 -16.88 -17.09 10.63
C THR B 206 -18.04 -16.73 9.73
N MET B 207 -17.88 -16.93 8.43
CA MET B 207 -18.90 -16.56 7.46
C MET B 207 -19.21 -17.68 6.47
N THR B 208 -20.49 -17.89 6.20
CA THR B 208 -20.93 -18.86 5.22
C THR B 208 -21.76 -18.16 4.13
N THR B 209 -21.42 -18.41 2.88
CA THR B 209 -22.09 -17.75 1.77
C THR B 209 -22.72 -18.72 0.78
N LEU B 210 -24.01 -18.54 0.52
CA LEU B 210 -24.71 -19.32 -0.49
C LEU B 210 -24.78 -18.57 -1.81
N SER B 211 -24.16 -19.13 -2.85
CA SER B 211 -24.22 -18.53 -4.17
C SER B 211 -24.85 -19.50 -5.17
N VAL B 212 -25.99 -19.13 -5.72
CA VAL B 212 -26.67 -19.95 -6.72
C VAL B 212 -26.34 -19.46 -8.13
N LEU B 213 -25.79 -20.35 -8.95
CA LEU B 213 -25.42 -20.00 -10.31
C LEU B 213 -26.31 -20.72 -11.33
N HIS B 214 -26.83 -19.94 -12.28
CA HIS B 214 -27.63 -20.50 -13.37
C HIS B 214 -26.95 -20.22 -14.71
N ASN B 215 -26.58 -21.29 -15.40
CA ASN B 215 -25.86 -21.20 -16.67
C ASN B 215 -24.55 -20.42 -16.56
N GLY B 216 -23.93 -20.51 -15.38
CA GLY B 216 -22.63 -19.88 -15.16
C GLY B 216 -22.70 -18.54 -14.44
N ARG B 217 -23.86 -17.90 -14.47
CA ARG B 217 -24.03 -16.58 -13.87
C ARG B 217 -24.73 -16.65 -12.52
N THR B 218 -24.26 -15.85 -11.57
CA THR B 218 -24.86 -15.80 -10.24
C THR B 218 -26.19 -15.05 -10.26
N ILE B 219 -27.22 -15.66 -9.70
CA ILE B 219 -28.56 -15.07 -9.69
C ILE B 219 -29.06 -14.84 -8.27
N TYR B 220 -28.35 -15.37 -7.29
CA TYR B 220 -28.73 -15.22 -5.89
C TYR B 220 -27.53 -15.39 -4.96
N THR B 221 -27.44 -14.53 -3.95
CA THR B 221 -26.33 -14.56 -3.00
C THR B 221 -26.75 -14.06 -1.63
N ARG B 222 -26.45 -14.86 -0.60
CA ARG B 222 -26.72 -14.46 0.78
C ARG B 222 -25.59 -14.89 1.71
N GLU B 223 -25.06 -13.95 2.47
CA GLU B 223 -23.98 -14.22 3.41
C GLU B 223 -24.53 -14.33 4.82
N GLN B 224 -23.92 -15.19 5.64
CA GLN B 224 -24.37 -15.42 7.01
C GLN B 224 -23.20 -15.55 7.97
N LEU B 225 -23.41 -15.11 9.21
CA LEU B 225 -22.41 -15.25 10.26
C LEU B 225 -22.43 -16.67 10.83
N PHE B 226 -21.69 -17.56 10.19
CA PHE B 226 -21.65 -18.97 10.58
C PHE B 226 -20.47 -19.65 9.91
N GLY B 227 -19.83 -20.57 10.62
CA GLY B 227 -18.67 -21.26 10.08
C GLY B 227 -18.03 -22.29 11.00
N GLY B 228 -16.83 -22.71 10.63
CA GLY B 228 -16.12 -23.77 11.32
C GLY B 228 -15.54 -23.39 12.67
N ARG B 229 -15.48 -22.10 12.97
CA ARG B 229 -14.96 -21.64 14.24
C ARG B 229 -15.84 -22.11 15.40
N GLN B 230 -17.13 -22.29 15.11
CA GLN B 230 -18.07 -22.81 16.10
C GLN B 230 -17.67 -24.22 16.52
N LEU B 231 -17.22 -25.02 15.55
CA LEU B 231 -16.80 -26.39 15.82
C LEU B 231 -15.47 -26.39 16.58
N THR B 232 -14.58 -25.48 16.20
CA THR B 232 -13.27 -25.38 16.84
C THR B 232 -13.39 -25.02 18.32
N GLU B 233 -14.20 -24.00 18.61
CA GLU B 233 -14.38 -23.54 19.98
C GLU B 233 -15.11 -24.57 20.84
N GLU B 234 -15.96 -25.37 20.20
CA GLU B 234 -16.65 -26.45 20.90
C GLU B 234 -15.64 -27.51 21.35
N ILE B 235 -14.64 -27.75 20.52
CA ILE B 235 -13.58 -28.68 20.85
C ILE B 235 -12.70 -28.12 21.98
N GLN B 236 -12.49 -26.81 21.95
CA GLN B 236 -11.70 -26.13 22.98
C GLN B 236 -12.33 -26.29 24.36
N ARG B 237 -13.63 -26.03 24.45
CA ARG B 237 -14.32 -26.02 25.73
C ARG B 237 -14.46 -27.41 26.34
N ARG B 238 -14.79 -28.39 25.49
CA ARG B 238 -15.11 -29.73 25.97
C ARG B 238 -13.87 -30.53 26.37
N TYR B 239 -12.78 -30.37 25.60
CA TYR B 239 -11.60 -31.18 25.82
C TYR B 239 -10.42 -30.37 26.38
N GLY B 240 -10.69 -29.12 26.72
CA GLY B 240 -9.68 -28.26 27.31
C GLY B 240 -8.45 -28.08 26.45
N LEU B 241 -8.67 -27.77 25.18
CA LEU B 241 -7.57 -27.59 24.23
C LEU B 241 -7.43 -26.14 23.80
N SER B 242 -6.25 -25.78 23.31
CA SER B 242 -6.00 -24.43 22.81
C SER B 242 -6.55 -24.28 21.40
N VAL B 243 -6.51 -23.06 20.87
CA VAL B 243 -6.98 -22.79 19.53
C VAL B 243 -6.17 -23.55 18.49
N GLU B 244 -4.85 -23.61 18.70
CA GLU B 244 -3.95 -24.31 17.81
C GLU B 244 -4.23 -25.81 17.81
N GLU B 245 -4.39 -26.39 19.00
CA GLU B 245 -4.60 -27.82 19.15
C GLU B 245 -5.98 -28.26 18.69
N ALA B 246 -6.99 -27.47 19.02
CA ALA B 246 -8.36 -27.81 18.64
C ALA B 246 -8.57 -27.68 17.14
N GLY B 247 -7.90 -26.69 16.54
CA GLY B 247 -7.97 -26.50 15.11
C GLY B 247 -7.28 -27.63 14.37
N LEU B 248 -6.18 -28.12 14.94
CA LEU B 248 -5.42 -29.21 14.35
C LEU B 248 -6.15 -30.54 14.53
N ALA B 249 -6.77 -30.71 15.69
CA ALA B 249 -7.50 -31.94 16.00
C ALA B 249 -8.78 -32.03 15.19
N LYS B 250 -9.28 -30.89 14.79
CA LYS B 250 -10.45 -30.77 13.95
C LYS B 250 -10.20 -31.40 12.59
N LYS B 251 -8.98 -31.24 12.11
CA LYS B 251 -8.59 -31.63 10.76
C LYS B 251 -8.02 -33.05 10.71
N GLN B 252 -7.19 -33.37 11.70
CA GLN B 252 -6.46 -34.64 11.69
C GLN B 252 -7.14 -35.71 12.55
N GLY B 253 -7.78 -35.27 13.64
CA GLY B 253 -8.42 -36.20 14.56
C GLY B 253 -7.67 -36.27 15.87
N GLY B 254 -7.67 -37.46 16.48
CA GLY B 254 -7.00 -37.67 17.75
C GLY B 254 -7.84 -37.26 18.94
N LEU B 255 -9.16 -37.26 18.74
CA LEU B 255 -10.10 -36.89 19.80
C LEU B 255 -10.79 -38.14 20.34
N PRO B 256 -11.36 -38.06 21.56
CA PRO B 256 -12.07 -39.21 22.14
C PRO B 256 -13.24 -39.67 21.28
N ASP B 257 -13.75 -40.87 21.55
CA ASP B 257 -14.79 -41.48 20.73
C ASP B 257 -16.15 -40.79 20.88
N ASP B 258 -16.29 -39.95 21.91
CA ASP B 258 -17.54 -39.24 22.14
C ASP B 258 -17.64 -37.98 21.28
N TYR B 259 -16.57 -37.71 20.53
CA TYR B 259 -16.48 -36.50 19.71
C TYR B 259 -17.51 -36.48 18.59
N ASP B 260 -17.66 -37.60 17.89
CA ASP B 260 -18.56 -37.67 16.75
C ASP B 260 -20.02 -37.50 17.15
N SER B 261 -20.40 -38.09 18.28
CA SER B 261 -21.80 -38.07 18.70
C SER B 261 -22.18 -36.80 19.45
N GLU B 262 -21.25 -36.29 20.26
CA GLU B 262 -21.55 -35.15 21.13
C GLU B 262 -21.16 -33.81 20.53
N VAL B 263 -20.27 -33.83 19.53
CA VAL B 263 -19.73 -32.58 18.99
C VAL B 263 -19.87 -32.46 17.47
N LEU B 264 -19.33 -33.45 16.74
CA LEU B 264 -19.26 -33.37 15.29
C LEU B 264 -20.63 -33.44 14.63
N ARG B 265 -21.44 -34.42 15.03
CA ARG B 265 -22.77 -34.61 14.45
C ARG B 265 -23.71 -33.46 14.72
N PRO B 266 -23.74 -32.93 15.93
CA PRO B 266 -24.57 -31.75 16.14
C PRO B 266 -24.15 -30.54 15.29
N PHE B 267 -22.85 -30.40 15.07
CA PHE B 267 -22.35 -29.32 14.21
C PHE B 267 -22.77 -29.53 12.77
N LYS B 268 -22.68 -30.79 12.31
CA LYS B 268 -23.09 -31.15 10.96
C LYS B 268 -24.57 -30.84 10.74
N ASP B 269 -25.39 -31.12 11.75
CA ASP B 269 -26.82 -30.85 11.69
C ASP B 269 -27.10 -29.35 11.59
N ALA B 270 -26.26 -28.56 12.25
CA ALA B 270 -26.41 -27.11 12.23
C ALA B 270 -26.08 -26.56 10.84
N VAL B 271 -25.10 -27.18 10.18
CA VAL B 271 -24.72 -26.80 8.83
C VAL B 271 -25.83 -27.13 7.86
N VAL B 272 -26.40 -28.33 7.99
CA VAL B 272 -27.50 -28.77 7.14
C VAL B 272 -28.71 -27.84 7.27
N GLN B 273 -29.03 -27.46 8.51
CA GLN B 273 -30.14 -26.56 8.78
C GLN B 273 -29.89 -25.19 8.16
N GLN B 274 -28.65 -24.73 8.22
CA GLN B 274 -28.26 -23.46 7.61
C GLN B 274 -28.44 -23.50 6.10
N VAL B 275 -27.97 -24.57 5.48
CA VAL B 275 -28.07 -24.75 4.04
C VAL B 275 -29.52 -24.91 3.60
N SER B 276 -30.27 -25.72 4.35
CA SER B 276 -31.68 -25.98 4.05
C SER B 276 -32.50 -24.70 4.12
N ARG B 277 -32.21 -23.85 5.10
CA ARG B 277 -32.93 -22.59 5.27
C ARG B 277 -32.58 -21.60 4.17
N SER B 278 -31.30 -21.55 3.81
CA SER B 278 -30.83 -20.63 2.77
C SER B 278 -31.42 -20.98 1.41
N LEU B 279 -31.51 -22.27 1.12
CA LEU B 279 -32.08 -22.73 -0.14
C LEU B 279 -33.57 -22.39 -0.23
N GLN B 280 -34.24 -22.39 0.92
CA GLN B 280 -35.65 -22.05 0.99
C GLN B 280 -35.89 -20.58 0.65
N PHE B 281 -34.95 -19.72 1.04
CA PHE B 281 -35.04 -18.31 0.73
C PHE B 281 -34.80 -18.06 -0.75
N PHE B 282 -33.97 -18.91 -1.36
CA PHE B 282 -33.71 -18.82 -2.80
C PHE B 282 -34.94 -19.23 -3.60
N PHE B 283 -35.59 -20.31 -3.17
CA PHE B 283 -36.79 -20.80 -3.83
C PHE B 283 -37.92 -19.76 -3.77
N ALA B 284 -37.95 -19.02 -2.67
CA ALA B 284 -38.99 -18.02 -2.46
C ALA B 284 -38.66 -16.70 -3.18
N ALA B 285 -37.41 -16.56 -3.59
CA ALA B 285 -36.95 -15.32 -4.23
C ALA B 285 -37.20 -15.34 -5.73
N GLY B 286 -37.28 -16.54 -6.31
CA GLY B 286 -37.43 -16.67 -7.75
C GLY B 286 -38.34 -17.79 -8.20
N GLN B 287 -38.11 -18.28 -9.41
CA GLN B 287 -39.00 -19.25 -10.03
C GLN B 287 -38.52 -20.70 -9.82
N PHE B 288 -37.32 -20.86 -9.27
CA PHE B 288 -36.76 -22.19 -9.08
C PHE B 288 -37.32 -22.89 -7.84
N ASN B 289 -37.43 -24.21 -7.93
CA ASN B 289 -37.91 -25.02 -6.81
C ASN B 289 -36.84 -26.00 -6.33
N ASP B 290 -35.83 -26.20 -7.17
CA ASP B 290 -34.74 -27.12 -6.85
C ASP B 290 -33.43 -26.70 -7.51
N VAL B 291 -32.33 -27.34 -7.09
CA VAL B 291 -31.04 -27.15 -7.74
C VAL B 291 -30.51 -28.51 -8.19
N ASP B 292 -29.72 -28.51 -9.25
CA ASP B 292 -29.19 -29.76 -9.79
C ASP B 292 -28.09 -30.33 -8.90
N TYR B 293 -27.22 -29.44 -8.41
CA TYR B 293 -26.12 -29.86 -7.56
C TYR B 293 -25.86 -28.89 -6.42
N ILE B 294 -25.25 -29.40 -5.35
CA ILE B 294 -24.78 -28.56 -4.26
C ILE B 294 -23.27 -28.70 -4.14
N VAL B 295 -22.55 -27.61 -4.37
CA VAL B 295 -21.10 -27.63 -4.30
C VAL B 295 -20.58 -26.99 -3.02
N LEU B 296 -19.88 -27.77 -2.21
CA LEU B 296 -19.34 -27.29 -0.95
C LEU B 296 -17.93 -26.72 -1.13
N ALA B 297 -17.74 -25.49 -0.67
CA ALA B 297 -16.44 -24.83 -0.75
C ALA B 297 -16.03 -24.30 0.62
N GLY B 298 -14.77 -23.87 0.74
CA GLY B 298 -14.24 -23.41 2.00
C GLY B 298 -13.57 -24.52 2.78
N GLY B 299 -12.85 -24.17 3.83
CA GLY B 299 -12.14 -25.15 4.63
C GLY B 299 -13.05 -26.12 5.36
N THR B 300 -14.22 -25.65 5.78
CA THR B 300 -15.15 -26.46 6.55
C THR B 300 -15.83 -27.50 5.67
N ALA B 301 -15.74 -27.33 4.36
CA ALA B 301 -16.32 -28.27 3.41
C ALA B 301 -15.61 -29.63 3.43
N SER B 302 -14.43 -29.66 4.04
CA SER B 302 -13.63 -30.89 4.08
C SER B 302 -13.99 -31.79 5.25
N ILE B 303 -15.00 -31.39 6.02
CA ILE B 303 -15.41 -32.24 7.12
C ILE B 303 -15.91 -33.54 6.52
N GLN B 304 -15.47 -34.64 7.11
CA GLN B 304 -15.77 -35.97 6.59
C GLN B 304 -17.25 -36.28 6.57
N ASP B 305 -17.74 -36.68 5.39
CA ASP B 305 -19.13 -37.08 5.16
C ASP B 305 -20.12 -35.95 5.40
N LEU B 306 -19.65 -34.71 5.36
CA LEU B 306 -20.55 -33.56 5.43
C LEU B 306 -21.36 -33.48 4.14
N ASP B 307 -20.68 -33.70 3.01
CA ASP B 307 -21.33 -33.69 1.71
C ASP B 307 -22.38 -34.79 1.61
N ARG B 308 -22.08 -35.95 2.20
CA ARG B 308 -23.00 -37.07 2.18
C ARG B 308 -24.23 -36.80 3.04
N LEU B 309 -24.05 -36.14 4.17
CA LEU B 309 -25.15 -35.84 5.07
C LEU B 309 -26.08 -34.79 4.47
N ILE B 310 -25.50 -33.75 3.88
CA ILE B 310 -26.28 -32.71 3.22
C ILE B 310 -27.07 -33.31 2.05
N GLN B 311 -26.43 -34.23 1.34
CA GLN B 311 -27.06 -34.90 0.21
C GLN B 311 -28.26 -35.74 0.66
N GLN B 312 -28.12 -36.42 1.78
CA GLN B 312 -29.19 -37.26 2.32
C GLN B 312 -30.40 -36.44 2.76
N LYS B 313 -30.15 -35.31 3.39
CA LYS B 313 -31.21 -34.49 3.96
C LYS B 313 -31.93 -33.67 2.89
N ILE B 314 -31.17 -32.95 2.07
CA ILE B 314 -31.76 -32.10 1.04
C ILE B 314 -32.35 -32.94 -0.09
N GLY B 315 -31.71 -34.07 -0.39
CA GLY B 315 -32.15 -34.93 -1.47
C GLY B 315 -31.55 -34.46 -2.79
N THR B 316 -30.39 -33.83 -2.71
CA THR B 316 -29.71 -33.27 -3.87
C THR B 316 -28.24 -33.66 -3.88
N PRO B 317 -27.74 -34.13 -5.04
CA PRO B 317 -26.33 -34.49 -5.22
C PRO B 317 -25.37 -33.42 -4.70
N THR B 318 -24.58 -33.77 -3.69
CA THR B 318 -23.65 -32.83 -3.08
C THR B 318 -22.22 -33.34 -3.22
N LEU B 319 -21.32 -32.45 -3.64
CA LEU B 319 -19.91 -32.81 -3.80
C LEU B 319 -19.00 -31.70 -3.29
N VAL B 320 -17.79 -32.07 -2.91
CA VAL B 320 -16.78 -31.11 -2.47
C VAL B 320 -16.07 -30.51 -3.67
N ALA B 321 -15.94 -29.18 -3.68
CA ALA B 321 -15.35 -28.46 -4.81
C ALA B 321 -13.91 -28.86 -5.07
N ASN B 322 -13.60 -29.15 -6.34
CA ASN B 322 -12.24 -29.45 -6.77
C ASN B 322 -11.99 -28.88 -8.16
N PRO B 323 -11.45 -27.65 -8.23
CA PRO B 323 -11.23 -26.95 -9.50
C PRO B 323 -9.90 -27.31 -10.16
N PHE B 324 -9.20 -28.29 -9.60
CA PHE B 324 -7.91 -28.70 -10.12
C PHE B 324 -7.99 -30.07 -10.79
N ALA B 325 -9.20 -30.51 -11.06
CA ALA B 325 -9.44 -31.83 -11.63
C ALA B 325 -8.89 -31.94 -13.06
N ASP B 326 -9.11 -30.90 -13.86
CA ASP B 326 -8.69 -30.92 -15.26
C ASP B 326 -7.45 -30.06 -15.48
N MET B 327 -6.58 -30.01 -14.48
CA MET B 327 -5.37 -29.18 -14.58
C MET B 327 -4.09 -30.00 -14.51
N ALA B 328 -3.05 -29.49 -15.16
CA ALA B 328 -1.71 -30.06 -15.02
C ALA B 328 -1.08 -29.51 -13.74
N LEU B 329 -0.02 -30.16 -13.28
CA LEU B 329 0.61 -29.77 -12.03
C LEU B 329 2.11 -29.54 -12.16
N ASN B 330 2.60 -28.51 -11.48
CA ASN B 330 4.03 -28.23 -11.45
C ASN B 330 4.74 -29.18 -10.50
N GLY B 331 6.01 -29.44 -10.76
CA GLY B 331 6.79 -30.39 -9.97
C GLY B 331 6.97 -30.00 -8.51
N LYS B 332 7.04 -28.69 -8.24
CA LYS B 332 7.29 -28.22 -6.89
C LYS B 332 6.00 -28.14 -6.07
N VAL B 333 4.88 -28.51 -6.70
CA VAL B 333 3.59 -28.49 -6.02
C VAL B 333 3.20 -29.88 -5.54
N ASN B 334 3.02 -30.02 -4.22
CA ASN B 334 2.57 -31.28 -3.65
C ASN B 334 1.10 -31.54 -3.97
N ALA B 335 0.85 -32.61 -4.72
CA ALA B 335 -0.51 -32.95 -5.15
C ALA B 335 -1.41 -33.27 -3.97
N GLY B 336 -0.84 -33.89 -2.95
CA GLY B 336 -1.60 -34.27 -1.76
C GLY B 336 -2.10 -33.08 -0.98
N ALA B 337 -1.22 -32.11 -0.74
CA ALA B 337 -1.58 -30.90 0.01
C ALA B 337 -2.58 -30.05 -0.77
N LEU B 338 -2.41 -30.01 -2.09
CA LEU B 338 -3.29 -29.23 -2.95
C LEU B 338 -4.70 -29.81 -2.96
N ALA B 339 -4.80 -31.14 -3.04
CA ALA B 339 -6.09 -31.82 -3.08
C ALA B 339 -6.86 -31.62 -1.78
N SER B 340 -6.13 -31.54 -0.66
CA SER B 340 -6.75 -31.36 0.65
C SER B 340 -7.27 -29.93 0.85
N ASP B 341 -6.57 -28.97 0.26
CA ASP B 341 -6.93 -27.56 0.41
C ASP B 341 -7.78 -27.06 -0.75
N ALA B 342 -8.06 -27.95 -1.70
CA ALA B 342 -8.76 -27.58 -2.94
C ALA B 342 -10.09 -26.83 -2.75
N PRO B 343 -10.98 -27.31 -1.85
CA PRO B 343 -12.26 -26.59 -1.75
C PRO B 343 -12.12 -25.20 -1.13
N ALA B 344 -11.00 -24.95 -0.45
CA ALA B 344 -10.78 -23.65 0.17
C ALA B 344 -10.05 -22.71 -0.79
N LEU B 345 -9.70 -23.22 -1.96
CA LEU B 345 -8.96 -22.43 -2.95
C LEU B 345 -9.83 -21.97 -4.11
N MET B 346 -11.15 -22.01 -3.93
CA MET B 346 -12.08 -21.61 -4.98
C MET B 346 -11.95 -20.13 -5.31
N ILE B 347 -11.88 -19.29 -4.28
CA ILE B 347 -11.76 -17.86 -4.46
C ILE B 347 -10.43 -17.49 -5.09
N ALA B 348 -9.35 -18.03 -4.52
CA ALA B 348 -8.00 -17.76 -5.01
C ALA B 348 -7.83 -18.20 -6.45
N CYS B 349 -8.47 -19.30 -6.82
CA CYS B 349 -8.41 -19.81 -8.18
C CYS B 349 -9.10 -18.86 -9.15
N GLY B 350 -10.26 -18.37 -8.76
CA GLY B 350 -11.02 -17.44 -9.57
C GLY B 350 -10.30 -16.12 -9.78
N LEU B 351 -9.55 -15.70 -8.76
CA LEU B 351 -8.76 -14.48 -8.85
C LEU B 351 -7.61 -14.65 -9.82
N ALA B 352 -7.02 -15.84 -9.83
CA ALA B 352 -5.89 -16.13 -10.70
C ALA B 352 -6.32 -16.26 -12.15
N LEU B 353 -7.61 -16.52 -12.38
CA LEU B 353 -8.14 -16.66 -13.72
C LEU B 353 -8.30 -15.33 -14.43
N ARG B 354 -8.05 -14.24 -13.72
CA ARG B 354 -8.09 -12.90 -14.31
C ARG B 354 -6.88 -12.64 -15.19
N SER B 355 -5.93 -13.57 -15.17
CA SER B 355 -4.72 -13.46 -15.98
C SER B 355 -5.02 -13.73 -17.45
N PHE B 356 -6.15 -14.37 -17.71
CA PHE B 356 -6.52 -14.75 -19.07
C PHE B 356 -7.80 -14.05 -19.53
N ASP B 357 -8.00 -13.98 -20.83
CA ASP B 357 -9.21 -13.38 -21.39
C ASP B 357 -10.33 -14.42 -21.47
N SER B 358 -11.55 -13.98 -21.20
CA SER B 358 -12.74 -14.85 -21.20
C SER B 358 -12.55 -16.04 -20.26
N MET B 361 -18.26 -13.13 -19.40
CA MET B 361 -17.51 -11.98 -19.90
C MET B 361 -17.80 -10.73 -19.07
N ALA B 362 -17.84 -10.90 -17.74
CA ALA B 362 -18.08 -9.79 -16.83
C ALA B 362 -16.82 -9.44 -16.06
N ARG B 363 -16.19 -8.33 -16.40
CA ARG B 363 -14.92 -7.95 -15.82
C ARG B 363 -14.99 -6.67 -15.01
N ILE B 364 -14.63 -6.75 -13.75
CA ILE B 364 -14.73 -5.64 -12.82
C ILE B 364 -13.38 -5.32 -12.19
N ASN B 365 -12.98 -4.06 -12.24
CA ASN B 365 -11.75 -3.62 -11.60
C ASN B 365 -12.00 -2.36 -10.77
N LEU B 366 -11.87 -2.49 -9.45
CA LEU B 366 -12.15 -1.39 -8.54
C LEU B 366 -10.93 -0.48 -8.35
N LEU B 367 -9.83 -0.81 -9.00
CA LEU B 367 -8.66 0.05 -9.02
C LEU B 367 -8.95 1.30 -9.84
N PRO B 368 -8.47 2.46 -9.38
CA PRO B 368 -8.64 3.71 -10.12
C PRO B 368 -7.83 3.73 -11.41
N TRP B 369 -8.39 4.30 -12.46
CA TRP B 369 -7.71 4.36 -13.76
C TRP B 369 -6.52 5.32 -13.72
S SO4 C . 13.32 15.15 11.16
O1 SO4 C . 12.81 13.95 10.51
O2 SO4 C . 12.68 16.32 10.58
O3 SO4 C . 14.76 15.23 10.97
O4 SO4 C . 13.03 15.10 12.59
S SO4 D . -5.76 24.36 -11.34
O1 SO4 D . -4.53 24.50 -12.13
O2 SO4 D . -6.91 24.65 -12.18
O3 SO4 D . -5.84 22.99 -10.83
O4 SO4 D . -5.73 25.29 -10.22
S SO4 E . -2.32 30.51 -13.13
O1 SO4 E . -2.89 30.15 -14.41
O2 SO4 E . -0.88 30.65 -13.26
O3 SO4 E . -2.90 31.77 -12.67
O4 SO4 E . -2.61 29.46 -12.16
S SO4 F . 11.09 20.04 9.42
O1 SO4 F . 11.68 20.78 8.31
O2 SO4 F . 11.51 18.64 9.34
O3 SO4 F . 9.63 20.12 9.32
O4 SO4 F . 11.53 20.61 10.68
S SO4 G . 12.50 -7.81 -5.38
O1 SO4 G . 12.92 -7.83 -6.80
O2 SO4 G . 11.08 -7.47 -5.28
O3 SO4 G . 13.31 -6.83 -4.65
O4 SO4 G . 12.69 -9.14 -4.77
CL CL H . 15.32 -3.11 -5.51
NA NA I . -1.70 25.43 -1.12
MG MG J . 12.54 19.50 6.73
PG ATP K . -13.96 -16.33 6.88
O1G ATP K . -15.00 -16.80 5.91
O2G ATP K . -14.47 -16.10 8.26
O3G ATP K . -13.14 -15.21 6.35
PB ATP K . -12.20 -18.11 5.72
O1B ATP K . -12.99 -17.67 4.52
O2B ATP K . -10.75 -17.77 5.87
O3B ATP K . -12.97 -17.55 7.00
PA ATP K . -11.44 -20.74 4.98
O1A ATP K . -12.11 -21.05 3.69
O2A ATP K . -10.02 -20.29 4.99
O3A ATP K . -12.31 -19.70 5.83
O5' ATP K . -11.57 -22.00 5.93
C5' ATP K . -10.94 -21.99 7.21
C4' ATP K . -11.79 -22.78 8.16
O4' ATP K . -11.87 -24.12 7.68
C3' ATP K . -11.18 -22.87 9.54
O3' ATP K . -12.21 -22.83 10.51
C2' ATP K . -10.58 -24.25 9.60
O2' ATP K . -10.65 -24.75 10.92
C1' ATP K . -11.50 -25.04 8.70
N9 ATP K . -10.83 -26.21 8.10
C8 ATP K . -9.74 -26.17 7.32
N7 ATP K . -9.40 -27.41 6.92
C5 ATP K . -10.27 -28.27 7.44
C6 ATP K . -10.48 -29.73 7.41
N6 ATP K . -9.65 -30.54 6.73
N1 ATP K . -11.53 -30.23 8.09
C2 ATP K . -12.36 -29.43 8.77
N3 ATP K . -12.23 -28.09 8.85
C4 ATP K . -11.22 -27.47 8.22
S SO4 L . -8.67 -40.90 15.08
O1 SO4 L . -9.48 -42.11 14.97
O2 SO4 L . -7.91 -40.70 13.86
O3 SO4 L . -7.76 -41.05 16.22
O4 SO4 L . -9.54 -39.75 15.32
S SO4 M . 9.73 -23.71 -11.45
O1 SO4 M . 10.01 -25.07 -11.92
O2 SO4 M . 10.43 -22.75 -12.31
O3 SO4 M . 10.19 -23.55 -10.08
O4 SO4 M . 8.29 -23.46 -11.52
S SO4 N . 7.27 -28.96 -14.37
O1 SO4 N . 6.96 -29.12 -15.79
O2 SO4 N . 8.67 -28.58 -14.22
O3 SO4 N . 6.42 -27.92 -13.79
O4 SO4 N . 7.03 -30.22 -13.68
CL CL O . -10.37 -4.41 3.92
CL CL P . -11.33 -22.05 13.41
CL CL Q . 9.59 -15.20 8.79
NA NA R . -3.82 -9.13 15.05
MG MG S . -14.41 -17.32 3.45
#